data_4CNK
#
_entry.id   4CNK
#
_cell.length_a   79.800
_cell.length_b   231.075
_cell.length_c   124.930
_cell.angle_alpha   90.00
_cell.angle_beta   90.00
_cell.angle_gamma   90.00
#
_symmetry.space_group_name_H-M   'C 2 2 21'
#
loop_
_entity.id
_entity.type
_entity.pdbx_description
1 polymer 'L-AMINO ACID OXIDASE'
2 non-polymer 'FLAVIN-ADENINE DINUCLEOTIDE'
3 non-polymer O-METHYL-GLYCINE
4 non-polymer 'SULFATE ION'
5 non-polymer GLYCEROL
6 water water
#
_entity_poly.entity_id   1
_entity_poly.type   'polypeptide(L)'
_entity_poly.pdbx_seq_one_letter_code
;MNHFDTIIIGGGPAGMMATISSSFYGQKTLLLEKNKRLGKKLAGTGGGRCNVTNNGNLDDLMAGIPGNGRFLYSVFSQFD
NHDIINFFTENGVKLKVEDHGRVFPVTDKSRTIIEALEKKIAELGGTVITNTEIVSVKKTDELFTVRSSDQAWTCQKLIV
TTGGKSYPSTGSTGFGHDIARHFKHTVTDLEAAESPLLTDFPHKALQGISLDDVTLSYGKHIITHDLLFTHFGLSGPAAL
RLSSFVKGGETIYLDVLPQMSQQDLADFLEEHREKSLKNCLKILLPERIADFFTQPFPEKVKQLNLSEKEALIKQIKELP
ISVTGKMSLAKSFVTKGGVSLKEINPKTLESKLVPGLHFAGEVLDINAHTGGFNITSALCTGWVAGSLHYD
;
_entity_poly.pdbx_strand_id   A,B
#
# COMPACT_ATOMS: atom_id res chain seq x y z
N MET A 1 -24.83 37.36 19.81
CA MET A 1 -25.95 36.93 18.93
C MET A 1 -25.99 35.40 18.90
N ASN A 2 -27.00 34.84 19.57
CA ASN A 2 -27.18 33.38 19.67
C ASN A 2 -28.18 32.82 18.66
N HIS A 3 -28.42 33.57 17.59
CA HIS A 3 -29.36 33.11 16.58
C HIS A 3 -28.66 32.91 15.23
N PHE A 4 -28.93 31.76 14.63
CA PHE A 4 -28.27 31.38 13.39
C PHE A 4 -29.36 30.94 12.44
N ASP A 5 -29.11 31.02 11.13
CA ASP A 5 -30.05 30.45 10.17
C ASP A 5 -30.13 28.93 10.34
N THR A 6 -28.95 28.29 10.45
CA THR A 6 -28.84 26.83 10.51
C THR A 6 -27.92 26.47 11.65
N ILE A 7 -28.36 25.53 12.46
CA ILE A 7 -27.55 24.95 13.51
C ILE A 7 -27.37 23.45 13.26
N ILE A 8 -26.13 23.00 13.37
CA ILE A 8 -25.81 21.58 13.19
C ILE A 8 -25.26 21.00 14.48
N ILE A 9 -25.83 19.88 14.92
CA ILE A 9 -25.34 19.23 16.12
C ILE A 9 -24.51 17.98 15.80
N GLY A 10 -23.23 18.03 16.15
CA GLY A 10 -22.38 16.85 16.02
C GLY A 10 -21.39 17.13 14.92
N GLY A 11 -20.11 17.21 15.26
CA GLY A 11 -19.04 17.56 14.32
C GLY A 11 -18.20 16.38 13.81
N GLY A 12 -18.87 15.30 13.39
CA GLY A 12 -18.22 14.24 12.62
C GLY A 12 -18.26 14.64 11.15
N PRO A 13 -18.01 13.69 10.25
CA PRO A 13 -17.99 14.05 8.83
C PRO A 13 -19.35 14.60 8.32
N ALA A 14 -20.46 14.02 8.74
CA ALA A 14 -21.76 14.54 8.31
C ALA A 14 -21.91 16.04 8.70
N GLY A 15 -21.63 16.36 9.97
CA GLY A 15 -21.81 17.71 10.49
C GLY A 15 -20.85 18.71 9.90
N MET A 16 -19.59 18.30 9.73
CA MET A 16 -18.64 19.21 9.10
C MET A 16 -19.07 19.47 7.67
N MET A 17 -19.48 18.44 6.95
CA MET A 17 -19.87 18.67 5.56
C MET A 17 -21.17 19.49 5.44
N ALA A 18 -22.11 19.25 6.34
CA ALA A 18 -23.35 20.04 6.39
C ALA A 18 -23.07 21.53 6.68
N THR A 19 -22.04 21.79 7.49
CA THR A 19 -21.67 23.15 7.85
C THR A 19 -21.11 23.88 6.66
N ILE A 20 -20.26 23.17 5.89
CA ILE A 20 -19.69 23.69 4.67
C ILE A 20 -20.78 24.00 3.64
N SER A 21 -21.69 23.06 3.36
CA SER A 21 -22.66 23.34 2.31
C SER A 21 -23.64 24.43 2.77
N SER A 22 -24.01 24.42 4.05
CA SER A 22 -24.92 25.43 4.60
C SER A 22 -24.34 26.84 4.46
N SER A 23 -23.07 26.99 4.83
CA SER A 23 -22.33 28.22 4.62
C SER A 23 -22.16 28.60 3.15
N PHE A 24 -21.81 27.61 2.33
CA PHE A 24 -21.69 27.81 0.89
C PHE A 24 -23.00 28.32 0.29
N TYR A 25 -24.13 27.89 0.83
CA TYR A 25 -25.39 28.37 0.30
C TYR A 25 -25.84 29.68 0.95
N GLY A 26 -24.96 30.30 1.73
CA GLY A 26 -25.25 31.62 2.28
C GLY A 26 -26.08 31.64 3.55
N GLN A 27 -26.20 30.50 4.22
CA GLN A 27 -26.85 30.48 5.53
C GLN A 27 -25.82 30.81 6.60
N LYS A 28 -26.21 31.60 7.61
CA LYS A 28 -25.37 31.84 8.79
C LYS A 28 -25.46 30.59 9.68
N THR A 29 -24.34 29.88 9.80
CA THR A 29 -24.36 28.49 10.27
C THR A 29 -23.49 28.27 11.51
N LEU A 30 -24.00 27.50 12.46
CA LEU A 30 -23.29 27.18 13.66
C LEU A 30 -23.17 25.66 13.81
N LEU A 31 -21.95 25.16 14.02
CA LEU A 31 -21.70 23.75 14.32
C LEU A 31 -21.33 23.58 15.79
N LEU A 32 -22.10 22.76 16.49
CA LEU A 32 -21.87 22.50 17.91
C LEU A 32 -21.32 21.08 18.08
N GLU A 33 -20.20 20.96 18.79
CA GLU A 33 -19.59 19.65 19.01
C GLU A 33 -19.35 19.40 20.51
N LYS A 34 -19.72 18.22 20.99
CA LYS A 34 -19.47 17.75 22.36
C LYS A 34 -17.97 17.68 22.76
N ASN A 35 -17.16 17.03 21.92
CA ASN A 35 -15.71 16.92 22.17
C ASN A 35 -14.95 18.22 21.97
N LYS A 36 -13.73 18.27 22.51
CA LYS A 36 -12.85 19.39 22.23
C LYS A 36 -12.42 19.41 20.78
N ARG A 37 -12.34 18.25 20.13
CA ARG A 37 -11.90 18.17 18.72
C ARG A 37 -13.04 17.72 17.82
N LEU A 38 -13.02 18.18 16.58
CA LEU A 38 -13.94 17.69 15.55
C LEU A 38 -13.45 16.34 15.02
N GLY A 39 -14.37 15.52 14.52
CA GLY A 39 -14.02 14.27 13.83
C GLY A 39 -13.19 13.28 14.62
N LYS A 40 -13.52 13.11 15.90
CA LYS A 40 -12.81 12.17 16.78
C LYS A 40 -12.96 10.72 16.31
N LYS A 41 -14.18 10.28 16.02
CA LYS A 41 -14.36 8.99 15.37
C LYS A 41 -13.70 8.90 13.98
N LEU A 42 -14.00 9.86 13.10
CA LEU A 42 -13.38 9.93 11.75
C LEU A 42 -11.84 9.73 11.76
N ALA A 43 -11.17 10.38 12.73
CA ALA A 43 -9.74 10.33 12.89
C ALA A 43 -9.19 8.92 13.13
N GLY A 44 -9.98 8.04 13.73
CA GLY A 44 -9.55 6.67 13.98
C GLY A 44 -9.88 5.67 12.88
N THR A 45 -10.52 6.11 11.79
CA THR A 45 -10.82 5.17 10.69
C THR A 45 -9.53 4.84 9.89
N GLY A 46 -9.55 3.75 9.15
CA GLY A 46 -8.39 3.33 8.34
C GLY A 46 -7.10 3.21 9.14
N GLY A 47 -7.21 2.57 10.31
CA GLY A 47 -6.10 2.48 11.29
C GLY A 47 -5.51 3.81 11.72
N GLY A 48 -6.34 4.85 11.79
CA GLY A 48 -5.85 6.18 12.16
C GLY A 48 -5.38 7.03 11.00
N ARG A 49 -5.42 6.47 9.79
CA ARG A 49 -4.95 7.18 8.61
C ARG A 49 -6.12 7.92 7.93
N CYS A 50 -7.35 7.61 8.33
CA CYS A 50 -8.57 8.29 7.89
C CYS A 50 -8.97 7.85 6.47
N ASN A 51 -9.82 6.85 6.40
CA ASN A 51 -10.35 6.34 5.15
C ASN A 51 -11.54 7.20 4.67
N VAL A 52 -11.23 8.36 4.13
CA VAL A 52 -12.18 9.44 3.87
C VAL A 52 -13.27 9.14 2.83
N THR A 53 -13.02 8.20 1.93
CA THR A 53 -14.05 7.79 0.97
C THR A 53 -13.52 6.56 0.25
N ASN A 54 -14.23 6.17 -0.80
CA ASN A 54 -13.91 5.02 -1.61
C ASN A 54 -14.09 5.50 -3.06
N ASN A 55 -13.20 5.08 -3.95
CA ASN A 55 -13.26 5.61 -5.32
C ASN A 55 -14.08 4.76 -6.30
N GLY A 56 -14.93 3.90 -5.78
CA GLY A 56 -15.63 2.95 -6.65
C GLY A 56 -16.67 3.63 -7.53
N ASN A 57 -17.15 2.90 -8.53
CA ASN A 57 -18.25 3.37 -9.37
CA ASN A 57 -18.24 3.39 -9.35
C ASN A 57 -19.55 3.08 -8.66
N LEU A 58 -20.68 3.36 -9.31
CA LEU A 58 -21.99 3.18 -8.71
C LEU A 58 -22.24 1.77 -8.19
N ASP A 59 -21.89 0.77 -8.99
CA ASP A 59 -22.05 -0.60 -8.53
CA ASP A 59 -22.04 -0.61 -8.54
C ASP A 59 -21.29 -0.85 -7.23
N ASP A 60 -20.05 -0.37 -7.15
CA ASP A 60 -19.22 -0.55 -5.93
C ASP A 60 -19.81 0.17 -4.71
N LEU A 61 -20.32 1.36 -4.94
CA LEU A 61 -20.91 2.16 -3.89
C LEU A 61 -22.15 1.47 -3.33
N MET A 62 -23.06 1.02 -4.20
CA MET A 62 -24.26 0.34 -3.73
C MET A 62 -23.92 -0.97 -3.01
N ALA A 63 -22.96 -1.73 -3.56
CA ALA A 63 -22.54 -2.97 -2.89
C ALA A 63 -21.92 -2.67 -1.51
N GLY A 64 -21.31 -1.50 -1.38
CA GLY A 64 -20.64 -1.10 -0.13
C GLY A 64 -21.58 -0.58 0.95
N ILE A 65 -22.82 -0.26 0.55
CA ILE A 65 -23.86 0.25 1.48
C ILE A 65 -25.07 -0.67 1.46
N PRO A 66 -24.96 -1.90 2.06
CA PRO A 66 -26.08 -2.85 1.91
C PRO A 66 -27.28 -2.51 2.84
N GLY A 67 -27.05 -1.71 3.89
CA GLY A 67 -28.12 -1.29 4.79
C GLY A 67 -28.81 -0.05 4.22
N ASN A 68 -29.77 -0.27 3.33
CA ASN A 68 -30.60 0.81 2.76
C ASN A 68 -29.88 1.76 1.82
N GLY A 69 -28.83 1.27 1.15
CA GLY A 69 -28.11 2.10 0.17
C GLY A 69 -28.99 2.72 -0.92
N ARG A 70 -30.01 1.99 -1.36
CA ARG A 70 -31.03 2.47 -2.34
C ARG A 70 -31.66 3.83 -2.02
N PHE A 71 -31.77 4.13 -0.73
CA PHE A 71 -32.35 5.39 -0.28
C PHE A 71 -31.52 6.57 -0.78
N LEU A 72 -30.22 6.32 -1.04
CA LEU A 72 -29.30 7.41 -1.37
C LEU A 72 -29.26 7.82 -2.86
N TYR A 73 -30.17 7.32 -3.68
CA TYR A 73 -30.13 7.67 -5.13
C TYR A 73 -30.09 9.18 -5.32
N SER A 74 -31.00 9.88 -4.63
CA SER A 74 -31.12 11.32 -4.75
CA SER A 74 -31.14 11.33 -4.74
C SER A 74 -29.93 12.05 -4.14
N VAL A 75 -29.47 11.57 -2.99
CA VAL A 75 -28.31 12.19 -2.34
C VAL A 75 -27.11 12.07 -3.27
N PHE A 76 -26.88 10.86 -3.80
CA PHE A 76 -25.75 10.66 -4.68
C PHE A 76 -25.90 11.39 -6.02
N SER A 77 -27.13 11.68 -6.46
CA SER A 77 -27.31 12.49 -7.67
CA SER A 77 -27.35 12.50 -7.66
C SER A 77 -26.86 13.94 -7.43
N GLN A 78 -26.78 14.35 -6.16
CA GLN A 78 -26.40 15.72 -5.82
C GLN A 78 -24.94 15.86 -5.36
N PHE A 79 -24.43 14.82 -4.68
CA PHE A 79 -23.06 14.87 -4.16
C PHE A 79 -22.62 13.45 -3.90
N ASP A 80 -21.55 13.01 -4.56
CA ASP A 80 -21.13 11.63 -4.40
C ASP A 80 -19.66 11.50 -4.02
N ASN A 81 -19.15 10.27 -4.05
CA ASN A 81 -17.73 10.00 -3.67
C ASN A 81 -16.75 10.71 -4.58
N HIS A 82 -17.09 10.87 -5.86
CA HIS A 82 -16.19 11.64 -6.74
C HIS A 82 -16.22 13.11 -6.40
N ASP A 83 -17.38 13.63 -5.97
CA ASP A 83 -17.40 15.02 -5.45
C ASP A 83 -16.54 15.18 -4.18
N ILE A 84 -16.53 14.18 -3.31
CA ILE A 84 -15.70 14.20 -2.10
C ILE A 84 -14.23 14.30 -2.53
N ILE A 85 -13.81 13.40 -3.40
CA ILE A 85 -12.42 13.43 -3.89
C ILE A 85 -12.08 14.80 -4.47
N ASN A 86 -12.95 15.31 -5.34
CA ASN A 86 -12.75 16.61 -5.96
C ASN A 86 -12.63 17.73 -4.96
N PHE A 87 -13.49 17.68 -3.95
CA PHE A 87 -13.49 18.69 -2.90
C PHE A 87 -12.13 18.74 -2.23
N PHE A 88 -11.60 17.59 -1.85
CA PHE A 88 -10.33 17.62 -1.16
C PHE A 88 -9.18 18.04 -2.05
N THR A 89 -9.17 17.57 -3.29
CA THR A 89 -8.03 17.86 -4.15
C THR A 89 -8.07 19.35 -4.53
N GLU A 90 -9.28 19.88 -4.74
CA GLU A 90 -9.43 21.30 -5.02
C GLU A 90 -9.07 22.22 -3.87
N ASN A 91 -9.01 21.70 -2.66
CA ASN A 91 -8.55 22.48 -1.53
C ASN A 91 -7.15 22.07 -1.05
N GLY A 92 -6.35 21.61 -2.03
CA GLY A 92 -4.95 21.26 -1.81
C GLY A 92 -4.66 20.10 -0.86
N VAL A 93 -5.58 19.16 -0.76
CA VAL A 93 -5.32 17.94 0.00
C VAL A 93 -5.08 16.84 -1.02
N LYS A 94 -3.85 16.33 -1.04
CA LYS A 94 -3.51 15.21 -1.92
C LYS A 94 -4.03 13.88 -1.38
N LEU A 95 -4.76 13.16 -2.22
CA LEU A 95 -5.34 11.86 -1.84
C LEU A 95 -4.68 10.70 -2.60
N LYS A 96 -4.77 9.50 -2.06
CA LYS A 96 -4.29 8.31 -2.74
C LYS A 96 -5.34 7.24 -2.63
N VAL A 97 -5.26 6.27 -3.52
CA VAL A 97 -6.09 5.08 -3.43
C VAL A 97 -5.21 3.87 -3.08
N GLU A 98 -5.68 3.05 -2.15
CA GLU A 98 -5.04 1.75 -1.86
C GLU A 98 -5.87 0.55 -2.35
N ASP A 99 -5.99 -0.51 -1.56
CA ASP A 99 -6.70 -1.71 -1.99
C ASP A 99 -8.22 -1.46 -1.92
N HIS A 100 -8.99 -2.22 -2.70
CA HIS A 100 -10.45 -2.17 -2.67
C HIS A 100 -11.01 -0.73 -2.68
N GLY A 101 -10.37 0.14 -3.45
CA GLY A 101 -10.90 1.49 -3.70
C GLY A 101 -10.78 2.47 -2.54
N ARG A 102 -10.11 2.06 -1.46
CA ARG A 102 -10.01 2.85 -0.24
C ARG A 102 -9.21 4.13 -0.48
N VAL A 103 -9.79 5.28 -0.14
CA VAL A 103 -9.09 6.55 -0.38
C VAL A 103 -8.56 7.13 0.94
N PHE A 104 -7.34 7.65 0.94
CA PHE A 104 -6.69 8.23 2.13
C PHE A 104 -6.01 9.55 1.81
N PRO A 105 -5.74 10.42 2.83
CA PRO A 105 -4.79 11.49 2.56
C PRO A 105 -3.38 10.86 2.34
N VAL A 106 -2.63 11.39 1.38
CA VAL A 106 -1.25 10.96 1.09
C VAL A 106 -0.38 11.04 2.37
N THR A 107 -0.58 12.10 3.15
CA THR A 107 0.11 12.24 4.44
C THR A 107 -0.10 11.04 5.38
N ASP A 108 -1.15 10.24 5.15
CA ASP A 108 -1.56 9.21 6.13
C ASP A 108 -1.96 9.79 7.51
N LYS A 109 -2.33 11.07 7.55
CA LYS A 109 -2.71 11.72 8.81
C LYS A 109 -4.13 12.24 8.74
N SER A 110 -4.97 11.80 9.68
CA SER A 110 -6.35 12.26 9.77
C SER A 110 -6.44 13.78 9.89
N ARG A 111 -5.49 14.41 10.60
CA ARG A 111 -5.56 15.87 10.81
C ARG A 111 -5.51 16.61 9.48
N THR A 112 -4.89 15.98 8.47
CA THR A 112 -4.90 16.57 7.13
C THR A 112 -6.34 16.72 6.64
N ILE A 113 -7.16 15.71 6.88
CA ILE A 113 -8.55 15.74 6.43
C ILE A 113 -9.34 16.73 7.29
N ILE A 114 -9.23 16.57 8.59
CA ILE A 114 -10.03 17.37 9.50
C ILE A 114 -9.69 18.87 9.40
N GLU A 115 -8.39 19.18 9.30
CA GLU A 115 -7.98 20.57 9.21
C GLU A 115 -8.45 21.24 7.92
N ALA A 116 -8.49 20.48 6.84
CA ALA A 116 -8.99 21.03 5.58
C ALA A 116 -10.48 21.40 5.72
N LEU A 117 -11.24 20.51 6.36
CA LEU A 117 -12.67 20.74 6.58
C LEU A 117 -12.86 21.99 7.48
N GLU A 118 -12.13 22.09 8.59
CA GLU A 118 -12.20 23.28 9.46
C GLU A 118 -11.86 24.57 8.72
N LYS A 119 -10.74 24.53 8.01
CA LYS A 119 -10.32 25.65 7.22
C LYS A 119 -11.42 26.12 6.25
N LYS A 120 -12.05 25.16 5.54
CA LYS A 120 -13.15 25.50 4.65
C LYS A 120 -14.33 26.14 5.42
N ILE A 121 -14.67 25.59 6.59
CA ILE A 121 -15.75 26.12 7.40
C ILE A 121 -15.47 27.59 7.79
N ALA A 122 -14.25 27.85 8.28
CA ALA A 122 -13.80 29.21 8.63
C ALA A 122 -13.83 30.16 7.43
N GLU A 123 -13.30 29.71 6.30
CA GLU A 123 -13.27 30.53 5.10
C GLU A 123 -14.67 30.89 4.58
N LEU A 124 -15.65 30.04 4.85
CA LEU A 124 -17.02 30.32 4.42
C LEU A 124 -17.83 31.09 5.47
N GLY A 125 -17.19 31.43 6.59
CA GLY A 125 -17.86 32.16 7.68
C GLY A 125 -18.71 31.32 8.62
N GLY A 126 -18.52 30.00 8.64
CA GLY A 126 -19.20 29.16 9.64
C GLY A 126 -18.57 29.33 11.00
N THR A 127 -19.35 29.11 12.05
CA THR A 127 -18.89 29.20 13.43
C THR A 127 -18.92 27.79 14.01
N VAL A 128 -17.87 27.40 14.71
CA VAL A 128 -17.90 26.14 15.42
C VAL A 128 -17.62 26.35 16.89
N ILE A 129 -18.44 25.75 17.72
CA ILE A 129 -18.28 25.82 19.15
C ILE A 129 -18.07 24.36 19.59
N THR A 130 -16.88 24.08 20.11
CA THR A 130 -16.57 22.73 20.56
C THR A 130 -16.65 22.65 22.07
N ASN A 131 -16.47 21.43 22.60
CA ASN A 131 -16.51 21.18 24.03
C ASN A 131 -17.87 21.56 24.64
N THR A 132 -18.93 21.41 23.86
CA THR A 132 -20.26 21.84 24.24
C THR A 132 -21.27 20.72 23.99
N GLU A 133 -21.67 20.02 25.03
CA GLU A 133 -22.64 18.96 24.88
C GLU A 133 -24.04 19.56 24.84
N ILE A 134 -24.74 19.35 23.74
CA ILE A 134 -26.13 19.75 23.65
C ILE A 134 -26.97 18.74 24.42
N VAL A 135 -27.89 19.24 25.26
CA VAL A 135 -28.70 18.41 26.15
C VAL A 135 -30.21 18.54 25.89
N SER A 136 -30.62 19.61 25.23
CA SER A 136 -32.04 19.77 24.88
CA SER A 136 -32.04 19.75 24.86
C SER A 136 -32.21 20.43 23.52
N VAL A 137 -33.21 19.96 22.77
CA VAL A 137 -33.66 20.67 21.58
C VAL A 137 -35.18 20.62 21.50
N LYS A 138 -35.76 21.80 21.25
CA LYS A 138 -37.20 21.97 21.19
C LYS A 138 -37.53 22.93 20.07
N LYS A 139 -38.74 22.83 19.54
CA LYS A 139 -39.21 23.75 18.50
C LYS A 139 -40.48 24.41 19.00
N THR A 140 -40.52 25.73 18.85
CA THR A 140 -41.67 26.60 19.19
C THR A 140 -42.00 27.48 17.99
N ASP A 141 -43.23 27.39 17.53
CA ASP A 141 -43.65 28.04 16.28
C ASP A 141 -42.74 27.51 15.18
N GLU A 142 -41.79 28.36 14.77
CA GLU A 142 -40.93 28.08 13.66
C GLU A 142 -39.46 28.28 14.05
N LEU A 143 -39.19 28.25 15.36
CA LEU A 143 -37.82 28.35 15.85
C LEU A 143 -37.43 27.12 16.66
N PHE A 144 -36.27 26.54 16.37
CA PHE A 144 -35.70 25.50 17.22
C PHE A 144 -34.90 26.22 18.31
N THR A 145 -34.98 25.75 19.54
CA THR A 145 -34.04 26.20 20.57
C THR A 145 -33.13 25.06 20.96
N VAL A 146 -31.82 25.30 20.86
CA VAL A 146 -30.81 24.31 21.17
C VAL A 146 -30.07 24.70 22.43
N ARG A 147 -30.05 23.82 23.43
CA ARG A 147 -29.39 24.13 24.71
C ARG A 147 -28.33 23.14 25.14
N SER A 148 -27.23 23.70 25.60
CA SER A 148 -26.31 23.00 26.49
C SER A 148 -26.84 23.13 27.94
N SER A 149 -26.05 22.67 28.91
CA SER A 149 -26.40 22.85 30.32
C SER A 149 -26.43 24.34 30.67
N ASP A 150 -25.87 25.14 29.77
CA ASP A 150 -25.27 26.41 30.08
C ASP A 150 -25.74 27.56 29.18
N GLN A 151 -26.06 27.26 27.92
CA GLN A 151 -26.39 28.30 26.95
C GLN A 151 -27.55 27.86 26.09
N ALA A 152 -28.06 28.81 25.31
CA ALA A 152 -29.17 28.56 24.39
C ALA A 152 -28.90 29.19 23.02
N TRP A 153 -29.25 28.46 21.97
CA TRP A 153 -29.12 28.93 20.60
C TRP A 153 -30.43 28.68 19.87
N THR A 154 -30.73 29.50 18.89
CA THR A 154 -31.98 29.33 18.15
C THR A 154 -31.66 29.34 16.66
N CYS A 155 -32.52 28.70 15.86
CA CYS A 155 -32.38 28.66 14.41
C CYS A 155 -33.69 28.28 13.73
N GLN A 156 -33.77 28.57 12.43
CA GLN A 156 -34.89 28.18 11.58
C GLN A 156 -34.73 26.72 11.10
N LYS A 157 -33.49 26.27 10.95
CA LYS A 157 -33.19 24.95 10.34
C LYS A 157 -32.20 24.21 11.26
N LEU A 158 -32.54 22.97 11.62
CA LEU A 158 -31.67 22.18 12.50
C LEU A 158 -31.27 20.88 11.80
N ILE A 159 -29.96 20.59 11.83
CA ILE A 159 -29.43 19.36 11.24
C ILE A 159 -28.81 18.53 12.37
N VAL A 160 -29.30 17.31 12.49
CA VAL A 160 -28.81 16.39 13.50
C VAL A 160 -27.82 15.39 12.88
N THR A 161 -26.58 15.48 13.30
CA THR A 161 -25.50 14.63 12.75
C THR A 161 -24.66 14.08 13.92
N THR A 162 -25.32 13.44 14.87
CA THR A 162 -24.66 13.05 16.13
C THR A 162 -24.16 11.60 16.14
N GLY A 163 -24.29 10.91 15.01
CA GLY A 163 -23.70 9.57 14.83
C GLY A 163 -24.60 8.42 15.24
N GLY A 164 -24.03 7.22 15.38
CA GLY A 164 -24.78 6.06 15.84
C GLY A 164 -24.47 5.76 17.30
N LYS A 165 -24.38 4.48 17.66
CA LYS A 165 -24.15 4.09 19.06
C LYS A 165 -22.83 3.36 19.32
N SER A 166 -22.00 3.14 18.29
CA SER A 166 -20.80 2.34 18.53
C SER A 166 -19.65 3.24 18.92
N TYR A 167 -18.67 2.65 19.62
CA TYR A 167 -17.55 3.42 20.14
C TYR A 167 -18.02 4.69 20.86
N PRO A 168 -18.89 4.51 21.88
CA PRO A 168 -19.42 5.71 22.57
C PRO A 168 -18.33 6.61 23.15
N SER A 169 -17.10 6.12 23.34
CA SER A 169 -16.02 6.97 23.84
C SER A 169 -15.59 8.06 22.84
N THR A 170 -15.97 7.94 21.56
CA THR A 170 -15.68 9.00 20.59
C THR A 170 -16.74 10.12 20.64
N GLY A 171 -17.89 9.85 21.27
CA GLY A 171 -18.90 10.90 21.45
C GLY A 171 -20.25 10.51 20.88
N SER A 172 -20.29 9.44 20.09
CA SER A 172 -21.55 8.96 19.52
C SER A 172 -22.27 8.11 20.56
N THR A 173 -23.17 8.75 21.33
CA THR A 173 -23.86 8.07 22.43
C THR A 173 -25.38 8.03 22.30
N GLY A 174 -25.91 8.58 21.21
CA GLY A 174 -27.32 8.40 20.88
C GLY A 174 -28.22 9.64 20.99
N PHE A 175 -27.65 10.80 21.27
CA PHE A 175 -28.47 11.99 21.47
C PHE A 175 -29.41 12.27 20.28
N GLY A 176 -28.90 12.08 19.05
CA GLY A 176 -29.71 12.24 17.83
C GLY A 176 -30.96 11.37 17.79
N HIS A 177 -30.85 10.18 18.36
CA HIS A 177 -32.01 9.33 18.50
C HIS A 177 -33.02 9.93 19.50
N ASP A 178 -32.51 10.59 20.53
CA ASP A 178 -33.39 11.25 21.51
C ASP A 178 -34.13 12.40 20.86
N ILE A 179 -33.39 13.25 20.14
CA ILE A 179 -34.02 14.35 19.37
C ILE A 179 -35.11 13.79 18.47
N ALA A 180 -34.77 12.71 17.75
CA ALA A 180 -35.72 12.08 16.86
C ALA A 180 -37.00 11.67 17.61
N ARG A 181 -36.82 10.89 18.67
CA ARG A 181 -37.96 10.45 19.47
C ARG A 181 -38.72 11.65 20.08
N HIS A 182 -38.00 12.68 20.53
CA HIS A 182 -38.69 13.88 21.02
C HIS A 182 -39.64 14.48 19.98
N PHE A 183 -39.25 14.43 18.71
CA PHE A 183 -40.10 14.92 17.63
C PHE A 183 -40.97 13.86 17.00
N LYS A 184 -41.13 12.74 17.70
CA LYS A 184 -42.11 11.70 17.32
C LYS A 184 -41.72 10.88 16.09
N HIS A 185 -40.42 10.88 15.79
CA HIS A 185 -39.88 9.98 14.77
C HIS A 185 -39.68 8.57 15.33
N THR A 186 -39.83 7.57 14.47
CA THR A 186 -39.47 6.20 14.77
C THR A 186 -37.95 6.02 14.66
N VAL A 187 -37.35 5.52 15.73
CA VAL A 187 -35.97 5.01 15.70
C VAL A 187 -36.01 3.48 15.67
N THR A 188 -35.44 2.84 14.65
CA THR A 188 -35.55 1.38 14.51
C THR A 188 -34.74 0.66 15.59
N ASP A 189 -34.87 -0.66 15.67
CA ASP A 189 -33.96 -1.44 16.53
C ASP A 189 -32.52 -1.07 16.20
N LEU A 190 -31.67 -0.93 17.22
CA LEU A 190 -30.27 -0.66 17.02
C LEU A 190 -29.45 -1.93 17.29
N GLU A 191 -28.43 -2.19 16.49
CA GLU A 191 -27.61 -3.40 16.70
C GLU A 191 -26.25 -3.33 16.03
N ALA A 192 -25.31 -4.13 16.54
CA ALA A 192 -23.95 -4.20 16.03
C ALA A 192 -23.91 -4.60 14.54
N ALA A 193 -23.05 -3.93 13.76
CA ALA A 193 -22.70 -4.41 12.43
C ALA A 193 -21.22 -4.15 12.27
N GLU A 194 -20.57 -4.91 11.40
CA GLU A 194 -19.12 -4.81 11.23
C GLU A 194 -18.42 -5.06 12.57
N SER A 195 -18.60 -6.25 13.09
CA SER A 195 -18.10 -6.59 14.43
C SER A 195 -16.89 -7.53 14.30
N PRO A 196 -15.73 -7.19 14.91
CA PRO A 196 -14.66 -8.19 14.91
C PRO A 196 -15.12 -9.46 15.61
N LEU A 197 -14.58 -10.61 15.18
CA LEU A 197 -14.97 -11.92 15.69
C LEU A 197 -14.03 -12.47 16.76
N LEU A 198 -14.61 -13.09 17.78
CA LEU A 198 -13.82 -13.79 18.80
C LEU A 198 -13.76 -15.23 18.40
N THR A 199 -12.57 -15.83 18.48
CA THR A 199 -12.45 -17.23 18.11
C THR A 199 -11.76 -18.03 19.21
N ASP A 200 -11.94 -19.34 19.17
CA ASP A 200 -11.19 -20.23 20.04
C ASP A 200 -10.12 -20.88 19.17
N PHE A 201 -8.92 -20.30 19.19
CA PHE A 201 -7.88 -20.59 18.20
C PHE A 201 -6.55 -20.16 18.86
N PRO A 202 -5.38 -20.72 18.44
CA PRO A 202 -4.11 -20.25 18.98
C PRO A 202 -3.70 -18.91 18.34
N HIS A 203 -4.19 -17.82 18.95
CA HIS A 203 -4.07 -16.48 18.35
C HIS A 203 -2.64 -16.02 18.16
N LYS A 204 -1.77 -16.33 19.11
CA LYS A 204 -0.40 -15.84 19.04
C LYS A 204 0.37 -16.40 17.83
N ALA A 205 0.02 -17.60 17.40
CA ALA A 205 0.62 -18.20 16.21
C ALA A 205 0.49 -17.26 15.00
N LEU A 206 -0.65 -16.58 14.87
CA LEU A 206 -0.90 -15.80 13.66
C LEU A 206 -1.14 -14.29 13.81
N GLN A 207 -1.15 -13.76 15.03
CA GLN A 207 -1.65 -12.38 15.23
C GLN A 207 -0.81 -11.34 14.51
N GLY A 208 -1.49 -10.41 13.84
CA GLY A 208 -0.84 -9.39 13.04
C GLY A 208 -0.76 -9.76 11.56
N ILE A 209 -1.00 -11.02 11.21
CA ILE A 209 -0.97 -11.39 9.79
C ILE A 209 -2.23 -10.88 9.09
N SER A 210 -2.04 -10.20 7.96
CA SER A 210 -3.15 -9.82 7.10
CA SER A 210 -3.15 -9.81 7.10
C SER A 210 -3.14 -10.63 5.82
N LEU A 211 -4.28 -11.19 5.44
CA LEU A 211 -4.36 -11.95 4.20
C LEU A 211 -5.24 -11.23 3.17
N ASP A 212 -4.83 -11.24 1.91
CA ASP A 212 -5.59 -10.50 0.90
C ASP A 212 -6.62 -11.39 0.21
N ASP A 213 -7.88 -10.93 0.16
CA ASP A 213 -8.91 -11.62 -0.63
C ASP A 213 -8.93 -13.13 -0.41
N VAL A 214 -9.09 -13.53 0.84
CA VAL A 214 -9.30 -14.92 1.17
C VAL A 214 -10.80 -15.13 1.39
N THR A 215 -11.20 -16.39 1.47
CA THR A 215 -12.63 -16.71 1.60
C THR A 215 -13.00 -17.31 2.96
N LEU A 216 -13.95 -16.65 3.63
CA LEU A 216 -14.52 -17.16 4.87
C LEU A 216 -15.94 -17.59 4.56
N SER A 217 -16.25 -18.84 4.92
CA SER A 217 -17.53 -19.46 4.62
C SER A 217 -18.26 -19.87 5.91
N TYR A 218 -19.55 -19.56 5.97
CA TYR A 218 -20.43 -20.14 6.95
C TYR A 218 -21.78 -20.37 6.28
N GLY A 219 -22.14 -21.65 6.13
CA GLY A 219 -23.37 -22.05 5.42
C GLY A 219 -23.37 -21.53 4.01
N LYS A 220 -24.41 -20.80 3.63
CA LYS A 220 -24.46 -20.22 2.29
C LYS A 220 -23.78 -18.83 2.21
N HIS A 221 -23.27 -18.33 3.33
CA HIS A 221 -22.53 -17.05 3.29
C HIS A 221 -21.05 -17.29 2.98
N ILE A 222 -20.63 -16.88 1.77
CA ILE A 222 -19.25 -17.07 1.33
C ILE A 222 -18.69 -15.67 1.07
N ILE A 223 -17.77 -15.22 1.90
CA ILE A 223 -17.24 -13.85 1.74
C ILE A 223 -15.76 -13.86 1.39
N THR A 224 -15.43 -13.18 0.28
CA THR A 224 -14.04 -13.07 -0.19
C THR A 224 -13.53 -11.64 -0.05
N HIS A 225 -12.58 -11.46 0.85
CA HIS A 225 -12.04 -10.14 1.13
C HIS A 225 -10.84 -10.28 2.07
N ASP A 226 -10.30 -9.16 2.50
CA ASP A 226 -9.10 -9.19 3.32
C ASP A 226 -9.41 -9.61 4.73
N LEU A 227 -8.44 -10.24 5.36
CA LEU A 227 -8.66 -10.80 6.69
C LEU A 227 -7.48 -10.45 7.59
N LEU A 228 -7.77 -10.12 8.85
CA LEU A 228 -6.73 -9.78 9.81
C LEU A 228 -6.80 -10.73 10.99
N PHE A 229 -5.69 -11.40 11.29
CA PHE A 229 -5.59 -12.21 12.54
C PHE A 229 -5.22 -11.30 13.71
N THR A 230 -6.01 -11.37 14.77
CA THR A 230 -5.82 -10.49 15.92
C THR A 230 -5.54 -11.32 17.19
N HIS A 231 -5.23 -10.65 18.31
CA HIS A 231 -4.99 -11.34 19.59
C HIS A 231 -6.23 -12.06 20.15
N PHE A 232 -7.42 -11.66 19.70
CA PHE A 232 -8.67 -12.25 20.19
C PHE A 232 -9.40 -13.10 19.16
N GLY A 233 -9.01 -12.98 17.89
CA GLY A 233 -9.80 -13.61 16.84
C GLY A 233 -9.48 -13.10 15.45
N LEU A 234 -10.49 -12.52 14.80
CA LEU A 234 -10.40 -12.13 13.39
C LEU A 234 -11.03 -10.76 13.21
N SER A 235 -10.40 -9.96 12.37
CA SER A 235 -10.98 -8.70 12.00
C SER A 235 -10.67 -8.51 10.52
N GLY A 236 -10.78 -7.28 10.02
CA GLY A 236 -10.66 -7.06 8.58
C GLY A 236 -11.98 -7.36 7.88
N PRO A 237 -12.16 -6.81 6.66
CA PRO A 237 -13.45 -6.89 5.96
C PRO A 237 -14.07 -8.28 5.91
N ALA A 238 -13.31 -9.35 5.63
CA ALA A 238 -13.97 -10.65 5.51
C ALA A 238 -14.67 -11.06 6.83
N ALA A 239 -13.99 -10.84 7.97
CA ALA A 239 -14.57 -11.18 9.26
C ALA A 239 -15.71 -10.21 9.63
N LEU A 240 -15.46 -8.91 9.46
CA LEU A 240 -16.49 -7.90 9.70
C LEU A 240 -17.77 -8.18 8.92
N ARG A 241 -17.65 -8.55 7.65
CA ARG A 241 -18.79 -8.88 6.82
C ARG A 241 -19.52 -10.14 7.24
N LEU A 242 -18.77 -11.21 7.51
CA LEU A 242 -19.41 -12.45 8.00
C LEU A 242 -20.06 -12.28 9.39
N SER A 243 -19.63 -11.28 10.17
CA SER A 243 -20.15 -11.06 11.51
C SER A 243 -21.64 -10.74 11.53
N SER A 244 -22.21 -10.40 10.37
CA SER A 244 -23.66 -10.25 10.26
C SER A 244 -24.42 -11.57 10.35
N PHE A 245 -23.71 -12.68 10.20
CA PHE A 245 -24.35 -13.98 10.12
C PHE A 245 -23.93 -14.98 11.21
N VAL A 246 -23.07 -14.58 12.12
CA VAL A 246 -22.63 -15.47 13.19
C VAL A 246 -22.68 -14.71 14.50
N LYS A 247 -22.86 -15.41 15.61
CA LYS A 247 -22.84 -14.75 16.89
C LYS A 247 -22.18 -15.56 18.03
N GLY A 248 -21.65 -16.73 17.71
CA GLY A 248 -21.00 -17.56 18.71
C GLY A 248 -21.47 -18.99 18.56
N GLY A 249 -20.56 -19.94 18.72
CA GLY A 249 -20.92 -21.36 18.63
C GLY A 249 -20.82 -21.99 17.25
N GLU A 250 -20.47 -21.18 16.26
CA GLU A 250 -20.42 -21.69 14.90
C GLU A 250 -18.98 -22.11 14.55
N THR A 251 -18.88 -23.03 13.61
CA THR A 251 -17.64 -23.31 12.94
C THR A 251 -17.70 -22.63 11.59
N ILE A 252 -16.73 -21.76 11.32
CA ILE A 252 -16.60 -21.15 10.00
C ILE A 252 -15.38 -21.73 9.30
N TYR A 253 -15.28 -21.49 7.99
CA TYR A 253 -14.20 -22.04 7.18
C TYR A 253 -13.39 -21.00 6.43
N LEU A 254 -12.07 -21.19 6.46
CA LEU A 254 -11.16 -20.29 5.81
C LEU A 254 -10.43 -20.99 4.67
N ASP A 255 -10.50 -20.38 3.48
CA ASP A 255 -9.77 -20.83 2.31
C ASP A 255 -8.74 -19.74 2.06
N VAL A 256 -7.47 -20.03 2.37
CA VAL A 256 -6.37 -19.05 2.19
C VAL A 256 -5.90 -18.92 0.76
N LEU A 257 -6.31 -19.84 -0.11
CA LEU A 257 -5.92 -19.77 -1.52
C LEU A 257 -7.11 -19.97 -2.49
N PRO A 258 -8.10 -19.05 -2.45
CA PRO A 258 -9.34 -19.22 -3.23
C PRO A 258 -9.13 -19.33 -4.72
N GLN A 259 -8.03 -18.79 -5.22
CA GLN A 259 -7.74 -18.81 -6.66
C GLN A 259 -7.07 -20.10 -7.15
N MET A 260 -6.82 -21.05 -6.25
CA MET A 260 -6.20 -22.31 -6.66
C MET A 260 -7.07 -23.45 -6.23
N SER A 261 -7.39 -24.33 -7.16
CA SER A 261 -8.15 -25.53 -6.83
C SER A 261 -7.26 -26.51 -6.05
N GLN A 262 -7.88 -27.51 -5.41
CA GLN A 262 -7.11 -28.59 -4.76
C GLN A 262 -6.16 -29.25 -5.77
N GLN A 263 -6.63 -29.40 -7.02
CA GLN A 263 -5.79 -30.01 -8.05
C GLN A 263 -4.60 -29.10 -8.41
N ASP A 264 -4.83 -27.78 -8.49
CA ASP A 264 -3.76 -26.82 -8.77
C ASP A 264 -2.70 -26.90 -7.67
N LEU A 265 -3.16 -27.05 -6.44
CA LEU A 265 -2.20 -27.16 -5.33
C LEU A 265 -1.45 -28.47 -5.39
N ALA A 266 -2.11 -29.56 -5.80
CA ALA A 266 -1.40 -30.84 -5.96
C ALA A 266 -0.32 -30.76 -7.04
N ASP A 267 -0.62 -30.09 -8.17
CA ASP A 267 0.36 -29.82 -9.23
C ASP A 267 1.53 -28.94 -8.77
N PHE A 268 1.22 -27.83 -8.09
CA PHE A 268 2.24 -26.97 -7.45
C PHE A 268 3.22 -27.83 -6.63
N LEU A 269 2.68 -28.68 -5.76
CA LEU A 269 3.53 -29.49 -4.90
C LEU A 269 4.37 -30.43 -5.73
N GLU A 270 3.76 -31.09 -6.71
CA GLU A 270 4.51 -31.98 -7.60
C GLU A 270 5.66 -31.25 -8.33
N GLU A 271 5.41 -30.03 -8.80
CA GLU A 271 6.46 -29.26 -9.46
C GLU A 271 7.53 -28.72 -8.50
N HIS A 272 7.33 -28.84 -7.20
CA HIS A 272 8.33 -28.39 -6.22
C HIS A 272 8.79 -29.51 -5.32
N ARG A 273 8.73 -30.74 -5.83
CA ARG A 273 8.99 -31.92 -5.03
C ARG A 273 10.37 -32.00 -4.35
N GLU A 274 11.40 -31.40 -4.93
CA GLU A 274 12.74 -31.41 -4.32
C GLU A 274 12.92 -30.36 -3.22
N LYS A 275 11.90 -29.52 -3.04
CA LYS A 275 12.01 -28.35 -2.19
C LYS A 275 11.54 -28.63 -0.77
N SER A 276 11.96 -27.75 0.14
CA SER A 276 11.35 -27.66 1.45
C SER A 276 9.88 -27.27 1.27
N LEU A 277 9.02 -27.98 1.96
CA LEU A 277 7.58 -27.73 1.89
C LEU A 277 7.28 -26.30 2.36
N LYS A 278 7.78 -25.93 3.53
CA LYS A 278 7.55 -24.60 4.03
C LYS A 278 8.10 -23.53 3.06
N ASN A 279 9.33 -23.69 2.58
CA ASN A 279 9.93 -22.63 1.73
C ASN A 279 9.21 -22.47 0.41
N CYS A 280 8.85 -23.57 -0.25
CA CYS A 280 8.25 -23.45 -1.58
C CYS A 280 6.87 -22.75 -1.49
N LEU A 281 6.18 -22.95 -0.38
CA LEU A 281 4.89 -22.30 -0.13
C LEU A 281 4.95 -20.80 0.10
N LYS A 282 6.14 -20.25 0.38
CA LYS A 282 6.31 -18.80 0.60
C LYS A 282 5.88 -17.90 -0.57
N ILE A 283 6.01 -18.40 -1.79
CA ILE A 283 5.52 -17.68 -2.96
C ILE A 283 3.96 -17.52 -2.97
N LEU A 284 3.25 -18.48 -2.36
CA LEU A 284 1.79 -18.41 -2.17
C LEU A 284 1.30 -17.74 -0.88
N LEU A 285 2.02 -17.90 0.23
CA LEU A 285 1.49 -17.55 1.54
C LEU A 285 2.55 -16.91 2.41
N PRO A 286 2.14 -16.08 3.38
CA PRO A 286 3.11 -15.50 4.33
C PRO A 286 3.81 -16.60 5.10
N GLU A 287 5.06 -16.35 5.48
CA GLU A 287 5.86 -17.39 6.09
C GLU A 287 5.23 -17.93 7.37
N ARG A 288 4.65 -17.08 8.20
CA ARG A 288 4.01 -17.57 9.42
C ARG A 288 2.80 -18.44 9.15
N ILE A 289 2.09 -18.22 8.03
CA ILE A 289 0.99 -19.10 7.65
C ILE A 289 1.56 -20.44 7.18
N ALA A 290 2.61 -20.39 6.37
CA ALA A 290 3.27 -21.62 5.88
C ALA A 290 3.77 -22.43 7.07
N ASP A 291 4.30 -21.77 8.10
CA ASP A 291 4.75 -22.46 9.34
C ASP A 291 3.60 -23.18 10.03
N PHE A 292 2.48 -22.46 10.17
CA PHE A 292 1.29 -23.02 10.78
C PHE A 292 0.87 -24.33 10.10
N PHE A 293 0.73 -24.35 8.79
CA PHE A 293 0.24 -25.55 8.11
C PHE A 293 1.31 -26.63 8.01
N THR A 294 2.57 -26.23 7.92
CA THR A 294 3.59 -27.24 7.55
C THR A 294 4.29 -27.82 8.77
N GLN A 295 4.11 -27.23 9.94
CA GLN A 295 4.87 -27.64 11.13
C GLN A 295 4.91 -29.18 11.39
N PRO A 296 3.75 -29.88 11.38
CA PRO A 296 3.79 -31.30 11.74
C PRO A 296 4.15 -32.27 10.59
N PHE A 297 4.38 -31.77 9.38
CA PHE A 297 4.68 -32.63 8.24
C PHE A 297 6.17 -32.77 8.02
N PRO A 298 6.60 -33.79 7.26
CA PRO A 298 8.00 -33.92 6.82
C PRO A 298 8.52 -32.65 6.18
N GLU A 299 9.84 -32.45 6.24
CA GLU A 299 10.45 -31.19 5.80
C GLU A 299 10.38 -30.94 4.29
N LYS A 300 10.63 -31.97 3.49
CA LYS A 300 10.62 -31.81 2.03
C LYS A 300 9.35 -32.31 1.38
N VAL A 301 8.91 -31.61 0.35
CA VAL A 301 7.69 -31.97 -0.40
C VAL A 301 7.66 -33.46 -0.75
N LYS A 302 8.74 -33.97 -1.35
CA LYS A 302 8.78 -35.37 -1.78
C LYS A 302 8.73 -36.38 -0.63
N GLN A 303 9.00 -35.95 0.60
CA GLN A 303 8.89 -36.83 1.77
C GLN A 303 7.45 -37.03 2.25
N LEU A 304 6.49 -36.27 1.74
CA LEU A 304 5.10 -36.48 2.09
C LEU A 304 4.50 -37.67 1.32
N ASN A 305 3.68 -38.48 1.97
CA ASN A 305 2.95 -39.49 1.19
C ASN A 305 1.66 -38.88 0.64
N LEU A 306 0.92 -39.66 -0.13
CA LEU A 306 -0.26 -39.12 -0.78
C LEU A 306 -1.30 -38.66 0.26
N SER A 307 -1.43 -39.41 1.35
CA SER A 307 -2.37 -39.01 2.41
C SER A 307 -2.02 -37.65 3.00
N GLU A 308 -0.73 -37.45 3.28
CA GLU A 308 -0.27 -36.16 3.86
C GLU A 308 -0.54 -34.97 2.93
N LYS A 309 -0.24 -35.13 1.64
CA LYS A 309 -0.49 -34.08 0.66
C LYS A 309 -1.95 -33.68 0.61
N GLU A 310 -2.83 -34.69 0.53
CA GLU A 310 -4.25 -34.43 0.43
C GLU A 310 -4.77 -33.79 1.70
N ALA A 311 -4.24 -34.24 2.83
CA ALA A 311 -4.64 -33.68 4.11
C ALA A 311 -4.24 -32.20 4.18
N LEU A 312 -2.97 -31.91 3.87
CA LEU A 312 -2.46 -30.52 3.84
C LEU A 312 -3.27 -29.63 2.90
N ILE A 313 -3.52 -30.11 1.69
CA ILE A 313 -4.28 -29.29 0.74
C ILE A 313 -5.69 -28.93 1.27
N LYS A 314 -6.36 -29.87 1.92
CA LYS A 314 -7.67 -29.62 2.49
C LYS A 314 -7.62 -28.63 3.67
N GLN A 315 -6.51 -28.63 4.44
CA GLN A 315 -6.33 -27.64 5.50
C GLN A 315 -6.21 -26.22 4.96
N ILE A 316 -5.41 -26.07 3.92
CA ILE A 316 -5.17 -24.78 3.26
C ILE A 316 -6.45 -24.24 2.63
N LYS A 317 -7.28 -25.14 2.10
CA LYS A 317 -8.49 -24.77 1.37
C LYS A 317 -9.73 -24.67 2.24
N GLU A 318 -9.65 -25.21 3.45
CA GLU A 318 -10.82 -25.36 4.31
C GLU A 318 -10.40 -25.48 5.77
N LEU A 319 -9.82 -24.42 6.32
CA LEU A 319 -9.42 -24.47 7.72
C LEU A 319 -10.65 -24.19 8.62
N PRO A 320 -10.96 -25.09 9.56
CA PRO A 320 -12.09 -24.85 10.48
C PRO A 320 -11.72 -23.90 11.59
N ILE A 321 -12.56 -22.92 11.83
CA ILE A 321 -12.29 -21.95 12.88
C ILE A 321 -13.55 -21.84 13.73
N SER A 322 -13.35 -21.93 15.03
CA SER A 322 -14.47 -21.94 15.96
C SER A 322 -14.73 -20.50 16.44
N VAL A 323 -15.88 -19.95 16.06
CA VAL A 323 -16.29 -18.59 16.47
C VAL A 323 -16.96 -18.71 17.82
N THR A 324 -16.50 -17.95 18.79
CA THR A 324 -17.12 -17.99 20.10
C THR A 324 -18.09 -16.83 20.37
N GLY A 325 -17.89 -15.71 19.68
CA GLY A 325 -18.81 -14.55 19.80
C GLY A 325 -18.38 -13.47 18.83
N LYS A 326 -18.98 -12.28 18.94
CA LYS A 326 -18.54 -11.11 18.18
C LYS A 326 -18.59 -9.89 19.07
N MET A 327 -17.87 -8.82 18.72
CA MET A 327 -17.90 -7.60 19.53
C MET A 327 -19.34 -7.11 19.73
N SER A 328 -19.59 -6.52 20.89
CA SER A 328 -20.85 -5.83 21.22
C SER A 328 -21.06 -4.63 20.29
N LEU A 329 -22.19 -3.96 20.40
CA LEU A 329 -22.45 -2.77 19.59
C LEU A 329 -21.42 -1.71 19.90
N ALA A 330 -21.15 -1.53 21.20
CA ALA A 330 -20.18 -0.58 21.69
C ALA A 330 -18.79 -0.78 21.10
N LYS A 331 -18.42 -2.03 20.85
CA LYS A 331 -17.08 -2.35 20.36
C LYS A 331 -17.06 -2.66 18.86
N SER A 332 -18.17 -2.37 18.17
CA SER A 332 -18.27 -2.59 16.72
C SER A 332 -18.07 -1.33 15.91
N PHE A 333 -17.90 -1.47 14.59
CA PHE A 333 -17.52 -0.30 13.81
C PHE A 333 -18.73 0.47 13.31
N VAL A 334 -19.88 -0.19 13.20
CA VAL A 334 -21.06 0.44 12.63
C VAL A 334 -22.28 0.07 13.44
N THR A 335 -23.22 1.02 13.56
CA THR A 335 -24.56 0.77 14.11
C THR A 335 -25.52 0.44 12.99
N LYS A 336 -26.11 -0.75 13.00
CA LYS A 336 -27.20 -1.04 12.10
C LYS A 336 -28.51 -0.54 12.76
N GLY A 337 -29.21 0.37 12.09
CA GLY A 337 -30.42 1.02 12.63
C GLY A 337 -30.24 2.51 12.91
N GLY A 338 -31.35 3.23 13.03
CA GLY A 338 -31.27 4.68 13.30
C GLY A 338 -32.63 5.23 12.93
N VAL A 339 -32.71 6.53 12.67
CA VAL A 339 -33.98 7.20 12.34
C VAL A 339 -34.60 6.57 11.10
N SER A 340 -35.86 6.16 11.24
CA SER A 340 -36.60 5.52 10.16
C SER A 340 -36.55 6.36 8.89
N LEU A 341 -36.18 5.71 7.79
CA LEU A 341 -36.00 6.43 6.54
C LEU A 341 -37.33 6.79 5.87
N LYS A 342 -38.40 6.07 6.23
CA LYS A 342 -39.75 6.36 5.69
C LYS A 342 -40.23 7.76 6.06
N GLU A 343 -39.70 8.28 7.16
CA GLU A 343 -40.08 9.58 7.71
C GLU A 343 -39.13 10.70 7.28
N ILE A 344 -38.27 10.39 6.30
CA ILE A 344 -37.24 11.31 5.86
C ILE A 344 -37.37 11.52 4.35
N ASN A 345 -37.29 12.76 3.90
CA ASN A 345 -37.31 13.08 2.47
C ASN A 345 -35.92 12.78 1.89
N PRO A 346 -35.83 11.84 0.93
CA PRO A 346 -34.50 11.43 0.41
C PRO A 346 -33.76 12.49 -0.40
N LYS A 347 -34.49 13.50 -0.87
CA LYS A 347 -33.89 14.57 -1.67
C LYS A 347 -33.26 15.65 -0.81
N THR A 348 -33.83 15.87 0.37
CA THR A 348 -33.41 16.99 1.19
C THR A 348 -32.93 16.60 2.58
N LEU A 349 -33.26 15.37 3.00
CA LEU A 349 -33.00 14.85 4.36
C LEU A 349 -33.85 15.55 5.45
N GLU A 350 -34.87 16.28 5.02
CA GLU A 350 -35.76 16.92 5.98
C GLU A 350 -36.75 15.89 6.50
N SER A 351 -37.02 16.01 7.79
CA SER A 351 -38.10 15.29 8.44
C SER A 351 -39.42 15.54 7.73
N LYS A 352 -40.20 14.48 7.56
CA LYS A 352 -41.53 14.60 6.99
C LYS A 352 -42.53 14.99 8.08
N LEU A 353 -42.08 15.00 9.32
CA LEU A 353 -42.91 15.31 10.48
C LEU A 353 -42.72 16.75 10.95
N VAL A 354 -41.48 17.25 10.98
CA VAL A 354 -41.23 18.63 11.43
C VAL A 354 -40.35 19.45 10.49
N PRO A 355 -40.97 20.45 9.82
CA PRO A 355 -40.26 21.33 8.92
C PRO A 355 -39.02 21.93 9.57
N GLY A 356 -37.95 22.04 8.81
CA GLY A 356 -36.71 22.58 9.31
C GLY A 356 -35.81 21.59 10.04
N LEU A 357 -36.33 20.40 10.36
CA LEU A 357 -35.54 19.36 11.05
C LEU A 357 -34.94 18.41 10.01
N HIS A 358 -33.62 18.23 10.10
CA HIS A 358 -32.91 17.38 9.15
C HIS A 358 -31.99 16.39 9.89
N PHE A 359 -31.76 15.24 9.28
CA PHE A 359 -30.82 14.24 9.82
C PHE A 359 -29.84 13.83 8.72
N ALA A 360 -28.56 13.69 9.07
CA ALA A 360 -27.58 13.14 8.12
C ALA A 360 -26.53 12.34 8.89
N GLY A 361 -25.86 11.44 8.17
CA GLY A 361 -24.83 10.61 8.79
C GLY A 361 -25.39 9.34 9.39
N GLU A 362 -24.60 8.72 10.26
CA GLU A 362 -24.93 7.41 10.83
C GLU A 362 -26.12 7.43 11.80
N VAL A 363 -26.54 8.62 12.24
CA VAL A 363 -27.81 8.74 12.98
C VAL A 363 -28.96 8.18 12.17
N LEU A 364 -28.90 8.24 10.83
CA LEU A 364 -29.95 7.66 10.00
C LEU A 364 -29.90 6.14 9.97
N ASP A 365 -31.01 5.52 9.57
CA ASP A 365 -31.04 4.07 9.35
C ASP A 365 -30.39 3.63 8.03
N ILE A 366 -29.11 4.01 7.89
CA ILE A 366 -28.22 3.60 6.80
C ILE A 366 -26.95 3.00 7.42
N ASN A 367 -26.56 1.83 6.94
CA ASN A 367 -25.28 1.25 7.36
C ASN A 367 -24.51 0.63 6.19
N ALA A 368 -23.19 0.70 6.30
CA ALA A 368 -22.37 0.34 5.15
C ALA A 368 -21.18 -0.46 5.64
N HIS A 369 -20.44 -1.03 4.71
CA HIS A 369 -19.19 -1.66 5.07
C HIS A 369 -18.12 -0.66 5.41
N THR A 370 -17.11 -1.10 6.16
CA THR A 370 -15.90 -0.32 6.32
C THR A 370 -15.20 -0.28 4.95
N GLY A 371 -14.21 0.59 4.78
CA GLY A 371 -13.58 0.80 3.48
C GLY A 371 -13.99 2.14 2.88
N GLY A 372 -14.60 3.02 3.67
CA GLY A 372 -14.88 4.39 3.19
C GLY A 372 -16.35 4.67 2.91
N PHE A 373 -17.19 3.63 2.96
CA PHE A 373 -18.57 3.70 2.53
C PHE A 373 -19.48 4.40 3.54
N ASN A 374 -19.23 4.24 4.84
CA ASN A 374 -20.00 4.98 5.85
C ASN A 374 -19.61 6.43 5.83
N ILE A 375 -18.31 6.70 5.77
CA ILE A 375 -17.86 8.07 5.68
C ILE A 375 -18.40 8.75 4.41
N THR A 376 -18.41 8.03 3.31
CA THR A 376 -19.00 8.58 2.08
C THR A 376 -20.47 8.98 2.33
N SER A 377 -21.29 8.05 2.83
CA SER A 377 -22.68 8.36 3.13
CA SER A 377 -22.68 8.37 3.11
C SER A 377 -22.81 9.58 4.04
N ALA A 378 -21.96 9.65 5.08
CA ALA A 378 -22.05 10.74 6.05
C ALA A 378 -21.73 12.08 5.43
N LEU A 379 -20.61 12.13 4.71
CA LEU A 379 -20.24 13.33 3.97
C LEU A 379 -21.28 13.75 2.93
N CYS A 380 -21.86 12.80 2.22
CA CYS A 380 -22.76 13.12 1.13
C CYS A 380 -24.14 13.56 1.65
N THR A 381 -24.63 12.84 2.64
CA THR A 381 -25.91 13.21 3.28
C THR A 381 -25.76 14.51 4.05
N GLY A 382 -24.60 14.73 4.67
CA GLY A 382 -24.28 16.00 5.30
C GLY A 382 -24.36 17.15 4.29
N TRP A 383 -23.63 17.01 3.18
CA TRP A 383 -23.68 18.02 2.14
C TRP A 383 -25.13 18.38 1.75
N VAL A 384 -25.89 17.35 1.40
CA VAL A 384 -27.27 17.53 0.93
C VAL A 384 -28.18 18.16 1.99
N ALA A 385 -28.08 17.70 3.24
CA ALA A 385 -28.89 18.27 4.32
C ALA A 385 -28.58 19.78 4.48
N GLY A 386 -27.30 20.14 4.42
CA GLY A 386 -26.85 21.53 4.51
C GLY A 386 -27.21 22.42 3.30
N SER A 387 -27.49 21.80 2.15
CA SER A 387 -27.81 22.53 0.93
CA SER A 387 -27.80 22.55 0.93
C SER A 387 -29.22 23.12 0.97
N LEU A 388 -29.45 24.16 0.18
CA LEU A 388 -30.79 24.71 -0.03
C LEU A 388 -31.28 24.14 -1.34
N HIS A 389 -32.59 24.03 -1.50
CA HIS A 389 -33.18 23.43 -2.69
C HIS A 389 -34.24 24.39 -3.19
N TYR A 390 -34.28 24.60 -4.49
CA TYR A 390 -35.14 25.64 -5.06
C TYR A 390 -36.10 25.07 -6.07
N ASP A 391 -37.36 25.49 -5.97
CA ASP A 391 -38.42 25.09 -6.88
C ASP A 391 -39.62 26.01 -6.74
N MET B 1 4.39 -0.88 -44.53
CA MET B 1 3.52 -0.37 -43.44
C MET B 1 4.36 -0.15 -42.16
N ASN B 2 4.68 1.11 -41.90
CA ASN B 2 5.51 1.44 -40.74
C ASN B 2 4.73 2.24 -39.70
N HIS B 3 3.40 2.12 -39.74
CA HIS B 3 2.55 2.81 -38.77
C HIS B 3 1.98 1.88 -37.71
N PHE B 4 2.13 2.27 -36.44
CA PHE B 4 1.61 1.46 -35.33
C PHE B 4 0.69 2.30 -34.45
N ASP B 5 -0.23 1.68 -33.71
CA ASP B 5 -1.03 2.44 -32.76
C ASP B 5 -0.09 2.96 -31.65
N THR B 6 0.78 2.08 -31.15
CA THR B 6 1.64 2.36 -29.99
C THR B 6 3.04 1.88 -30.34
N ILE B 7 4.02 2.76 -30.10
CA ILE B 7 5.44 2.43 -30.19
C ILE B 7 6.06 2.63 -28.80
N ILE B 8 6.97 1.72 -28.48
CA ILE B 8 7.64 1.67 -27.19
C ILE B 8 9.12 1.70 -27.49
N ILE B 9 9.80 2.66 -26.89
CA ILE B 9 11.22 2.75 -27.08
C ILE B 9 11.98 2.24 -25.85
N GLY B 10 12.66 1.11 -26.01
CA GLY B 10 13.49 0.56 -24.93
C GLY B 10 12.91 -0.74 -24.41
N GLY B 11 13.64 -1.83 -24.58
CA GLY B 11 13.17 -3.14 -24.14
C GLY B 11 13.77 -3.71 -22.85
N GLY B 12 13.76 -2.90 -21.79
CA GLY B 12 14.00 -3.40 -20.44
C GLY B 12 12.66 -3.87 -19.89
N PRO B 13 12.59 -4.10 -18.57
CA PRO B 13 11.35 -4.57 -17.99
C PRO B 13 10.15 -3.66 -18.26
N ALA B 14 10.34 -2.34 -18.17
CA ALA B 14 9.23 -1.39 -18.43
C ALA B 14 8.70 -1.52 -19.89
N GLY B 15 9.59 -1.58 -20.85
CA GLY B 15 9.14 -1.61 -22.24
C GLY B 15 8.56 -2.96 -22.63
N MET B 16 9.16 -4.04 -22.10
CA MET B 16 8.58 -5.35 -22.32
C MET B 16 7.16 -5.47 -21.77
N MET B 17 6.96 -5.02 -20.53
CA MET B 17 5.65 -5.08 -19.91
C MET B 17 4.62 -4.16 -20.58
N ALA B 18 5.03 -2.95 -20.97
CA ALA B 18 4.17 -2.06 -21.78
C ALA B 18 3.77 -2.69 -23.14
N THR B 19 4.72 -3.40 -23.77
CA THR B 19 4.41 -4.09 -25.03
C THR B 19 3.34 -5.17 -24.82
N ILE B 20 3.46 -5.89 -23.70
CA ILE B 20 2.52 -6.92 -23.39
C ILE B 20 1.16 -6.28 -23.12
N SER B 21 1.11 -5.26 -22.25
CA SER B 21 -0.20 -4.69 -21.94
CA SER B 21 -0.14 -4.59 -21.90
C SER B 21 -0.81 -4.01 -23.15
N SER B 22 -0.02 -3.23 -23.88
CA SER B 22 -0.54 -2.60 -25.11
C SER B 22 -1.10 -3.63 -26.11
N SER B 23 -0.38 -4.75 -26.29
CA SER B 23 -0.86 -5.79 -27.21
C SER B 23 -2.13 -6.44 -26.68
N PHE B 24 -2.16 -6.72 -25.38
CA PHE B 24 -3.35 -7.27 -24.68
C PHE B 24 -4.60 -6.40 -24.89
N TYR B 25 -4.44 -5.10 -24.78
CA TYR B 25 -5.52 -4.17 -25.04
C TYR B 25 -5.84 -3.95 -26.54
N GLY B 26 -5.27 -4.78 -27.40
CA GLY B 26 -5.61 -4.79 -28.84
C GLY B 26 -5.01 -3.67 -29.68
N GLN B 27 -4.01 -2.98 -29.14
CA GLN B 27 -3.21 -2.01 -29.89
C GLN B 27 -2.18 -2.74 -30.78
N LYS B 28 -2.09 -2.32 -32.05
CA LYS B 28 -0.99 -2.73 -32.91
C LYS B 28 0.31 -2.09 -32.41
N THR B 29 1.20 -2.91 -31.87
CA THR B 29 2.25 -2.41 -31.01
C THR B 29 3.62 -2.81 -31.56
N LEU B 30 4.56 -1.87 -31.47
CA LEU B 30 5.96 -2.07 -31.85
C LEU B 30 6.89 -1.71 -30.69
N LEU B 31 7.80 -2.63 -30.37
CA LEU B 31 8.85 -2.39 -29.37
C LEU B 31 10.17 -2.24 -30.12
N LEU B 32 10.86 -1.12 -29.95
CA LEU B 32 12.17 -0.88 -30.54
C LEU B 32 13.25 -0.98 -29.46
N GLU B 33 14.33 -1.70 -29.76
CA GLU B 33 15.40 -1.87 -28.78
C GLU B 33 16.74 -1.72 -29.47
N LYS B 34 17.61 -0.91 -28.83
CA LYS B 34 18.95 -0.61 -29.28
C LYS B 34 19.85 -1.83 -29.31
N ASN B 35 19.84 -2.62 -28.23
CA ASN B 35 20.70 -3.81 -28.20
C ASN B 35 20.15 -4.91 -29.10
N LYS B 36 20.97 -5.91 -29.41
CA LYS B 36 20.50 -7.14 -30.03
C LYS B 36 19.58 -7.95 -29.12
N ARG B 37 19.79 -7.85 -27.82
CA ARG B 37 19.01 -8.60 -26.82
C ARG B 37 18.08 -7.67 -26.02
N LEU B 38 16.94 -8.18 -25.60
CA LEU B 38 16.08 -7.44 -24.67
C LEU B 38 16.57 -7.70 -23.24
N GLY B 39 16.26 -6.79 -22.33
CA GLY B 39 16.52 -7.01 -20.90
C GLY B 39 18.00 -7.13 -20.56
N LYS B 40 18.87 -6.48 -21.34
CA LYS B 40 20.34 -6.58 -21.11
C LYS B 40 20.76 -6.20 -19.66
N LYS B 41 20.23 -5.11 -19.14
CA LYS B 41 20.49 -4.74 -17.75
C LYS B 41 19.73 -5.67 -16.80
N LEU B 42 18.45 -5.97 -17.11
CA LEU B 42 17.64 -6.84 -16.26
C LEU B 42 18.32 -8.19 -16.01
N ALA B 43 18.94 -8.71 -17.06
CA ALA B 43 19.63 -10.00 -17.00
C ALA B 43 20.72 -10.03 -15.94
N GLY B 44 21.28 -8.87 -15.62
CA GLY B 44 22.38 -8.79 -14.67
C GLY B 44 21.95 -8.59 -13.23
N THR B 45 20.66 -8.34 -13.01
CA THR B 45 20.18 -8.09 -11.65
C THR B 45 20.19 -9.35 -10.80
N GLY B 46 20.15 -9.15 -9.48
CA GLY B 46 20.23 -10.25 -8.52
C GLY B 46 21.41 -11.18 -8.79
N GLY B 47 22.56 -10.61 -9.09
CA GLY B 47 23.77 -11.39 -9.37
C GLY B 47 23.59 -12.29 -10.57
N GLY B 48 22.66 -11.98 -11.46
CA GLY B 48 22.52 -12.77 -12.69
C GLY B 48 21.33 -13.69 -12.61
N ARG B 49 20.70 -13.73 -11.44
CA ARG B 49 19.55 -14.60 -11.23
C ARG B 49 18.23 -13.88 -11.53
N CYS B 50 18.25 -12.54 -11.51
CA CYS B 50 17.08 -11.68 -11.79
C CYS B 50 16.11 -11.63 -10.62
N ASN B 51 16.30 -10.61 -9.81
CA ASN B 51 15.47 -10.34 -8.67
C ASN B 51 14.21 -9.63 -9.21
N VAL B 52 13.29 -10.40 -9.78
CA VAL B 52 12.21 -9.86 -10.62
C VAL B 52 11.13 -9.05 -9.88
N THR B 53 10.95 -9.31 -8.59
CA THR B 53 10.07 -8.45 -7.83
C THR B 53 10.38 -8.65 -6.37
N ASN B 54 9.54 -8.06 -5.53
CA ASN B 54 9.63 -8.25 -4.11
C ASN B 54 8.22 -8.56 -3.66
N ASN B 55 8.09 -9.48 -2.70
CA ASN B 55 6.75 -9.95 -2.36
C ASN B 55 6.09 -9.27 -1.14
N GLY B 56 6.61 -8.15 -0.71
CA GLY B 56 6.08 -7.48 0.47
C GLY B 56 4.74 -6.83 0.23
N ASN B 57 4.15 -6.29 1.29
CA ASN B 57 2.88 -5.62 1.16
C ASN B 57 3.08 -4.19 0.66
N LEU B 58 1.99 -3.47 0.52
CA LEU B 58 2.07 -2.12 0.00
C LEU B 58 3.00 -1.24 0.84
N ASP B 59 2.94 -1.37 2.15
CA ASP B 59 3.85 -0.58 3.00
C ASP B 59 5.31 -0.95 2.75
N ASP B 60 5.58 -2.24 2.60
CA ASP B 60 6.92 -2.72 2.23
C ASP B 60 7.40 -2.13 0.88
N LEU B 61 6.52 -2.10 -0.13
CA LEU B 61 6.92 -1.55 -1.44
C LEU B 61 7.29 -0.07 -1.28
N MET B 62 6.48 0.68 -0.52
CA MET B 62 6.72 2.11 -0.32
C MET B 62 8.01 2.40 0.47
N ALA B 63 8.30 1.57 1.46
CA ALA B 63 9.57 1.62 2.20
C ALA B 63 10.77 1.29 1.28
N GLY B 64 10.55 0.40 0.32
CA GLY B 64 11.61 0.05 -0.66
C GLY B 64 11.78 1.03 -1.80
N ILE B 65 10.89 2.01 -1.95
CA ILE B 65 10.96 3.01 -3.01
C ILE B 65 10.97 4.41 -2.41
N PRO B 66 12.07 4.76 -1.68
CA PRO B 66 12.20 6.08 -1.05
C PRO B 66 12.21 7.28 -2.04
N GLY B 67 12.66 7.06 -3.28
CA GLY B 67 12.68 8.14 -4.23
C GLY B 67 11.30 8.28 -4.87
N ASN B 68 10.40 9.05 -4.25
CA ASN B 68 9.07 9.34 -4.82
C ASN B 68 8.14 8.13 -5.01
N GLY B 69 8.28 7.10 -4.16
CA GLY B 69 7.41 5.92 -4.18
C GLY B 69 5.92 6.27 -4.12
N ARG B 70 5.59 7.33 -3.37
CA ARG B 70 4.18 7.70 -3.16
C ARG B 70 3.48 8.12 -4.47
N PHE B 71 4.27 8.46 -5.47
CA PHE B 71 3.71 8.72 -6.79
C PHE B 71 2.98 7.48 -7.31
N LEU B 72 3.42 6.29 -6.87
CA LEU B 72 2.99 5.04 -7.52
C LEU B 72 1.70 4.42 -6.98
N TYR B 73 1.03 5.07 -6.02
CA TYR B 73 -0.17 4.46 -5.50
C TYR B 73 -1.17 4.11 -6.61
N SER B 74 -1.47 5.05 -7.51
CA SER B 74 -2.44 4.75 -8.58
CA SER B 74 -2.45 4.74 -8.55
C SER B 74 -1.97 3.60 -9.47
N VAL B 75 -0.69 3.61 -9.85
CA VAL B 75 -0.13 2.50 -10.64
C VAL B 75 -0.33 1.18 -9.90
N PHE B 76 0.08 1.13 -8.64
CA PHE B 76 -0.03 -0.14 -7.91
C PHE B 76 -1.47 -0.63 -7.70
N SER B 77 -2.44 0.30 -7.70
CA SER B 77 -3.84 -0.08 -7.59
C SER B 77 -4.32 -0.76 -8.90
N GLN B 78 -3.58 -0.60 -10.00
CA GLN B 78 -3.96 -1.21 -11.26
C GLN B 78 -3.15 -2.48 -11.52
N PHE B 79 -1.89 -2.50 -11.08
CA PHE B 79 -1.02 -3.66 -11.32
C PHE B 79 0.13 -3.57 -10.33
N ASP B 80 0.33 -4.57 -9.49
CA ASP B 80 1.33 -4.45 -8.44
C ASP B 80 2.22 -5.68 -8.40
N ASN B 81 3.02 -5.83 -7.33
CA ASN B 81 3.99 -6.96 -7.25
C ASN B 81 3.30 -8.33 -7.24
N HIS B 82 2.10 -8.40 -6.67
CA HIS B 82 1.38 -9.67 -6.68
C HIS B 82 0.88 -10.02 -8.07
N ASP B 83 0.52 -9.00 -8.84
CA ASP B 83 0.17 -9.21 -10.26
C ASP B 83 1.38 -9.70 -11.06
N ILE B 84 2.57 -9.23 -10.71
CA ILE B 84 3.81 -9.69 -11.36
C ILE B 84 3.97 -11.19 -11.08
N ILE B 85 3.83 -11.59 -9.83
CA ILE B 85 4.04 -12.98 -9.42
C ILE B 85 2.99 -13.88 -10.14
N ASN B 86 1.74 -13.44 -10.14
CA ASN B 86 0.69 -14.15 -10.87
C ASN B 86 1.01 -14.30 -12.36
N PHE B 87 1.49 -13.20 -12.96
CA PHE B 87 1.80 -13.22 -14.40
C PHE B 87 2.81 -14.32 -14.70
N PHE B 88 3.92 -14.33 -13.96
CA PHE B 88 4.97 -15.32 -14.22
C PHE B 88 4.46 -16.74 -13.93
N THR B 89 3.77 -16.90 -12.81
CA THR B 89 3.15 -18.16 -12.42
C THR B 89 2.20 -18.71 -13.49
N GLU B 90 1.25 -17.88 -13.94
CA GLU B 90 0.32 -18.28 -14.98
C GLU B 90 0.97 -18.56 -16.32
N ASN B 91 2.16 -18.00 -16.54
CA ASN B 91 2.89 -18.35 -17.76
C ASN B 91 3.98 -19.43 -17.56
N GLY B 92 3.85 -20.23 -16.51
CA GLY B 92 4.68 -21.40 -16.36
C GLY B 92 6.08 -21.14 -15.81
N VAL B 93 6.32 -19.97 -15.25
CA VAL B 93 7.59 -19.81 -14.56
C VAL B 93 7.45 -19.91 -13.07
N LYS B 94 8.23 -20.81 -12.52
CA LYS B 94 8.20 -21.08 -11.10
C LYS B 94 9.05 -20.05 -10.44
N LEU B 95 8.50 -19.35 -9.43
CA LEU B 95 9.21 -18.35 -8.65
C LEU B 95 9.37 -18.82 -7.21
N LYS B 96 10.37 -18.26 -6.51
CA LYS B 96 10.57 -18.53 -5.10
C LYS B 96 10.83 -17.22 -4.37
N VAL B 97 10.66 -17.22 -3.05
CA VAL B 97 10.90 -16.05 -2.25
C VAL B 97 12.11 -16.37 -1.36
N GLU B 98 13.12 -15.49 -1.36
CA GLU B 98 14.28 -15.70 -0.47
C GLU B 98 14.19 -14.70 0.67
N ASP B 99 15.32 -14.20 1.16
CA ASP B 99 15.39 -13.23 2.23
CA ASP B 99 15.26 -13.27 2.28
C ASP B 99 14.77 -11.87 1.85
N HIS B 100 14.20 -11.16 2.83
CA HIS B 100 13.73 -9.78 2.65
C HIS B 100 12.76 -9.64 1.46
N GLY B 101 11.95 -10.66 1.24
CA GLY B 101 10.91 -10.59 0.23
C GLY B 101 11.38 -10.70 -1.21
N ARG B 102 12.67 -11.01 -1.44
CA ARG B 102 13.20 -11.05 -2.82
C ARG B 102 12.68 -12.25 -3.61
N VAL B 103 12.13 -12.00 -4.78
CA VAL B 103 11.53 -13.03 -5.59
C VAL B 103 12.47 -13.34 -6.76
N PHE B 104 12.75 -14.62 -6.97
CA PHE B 104 13.61 -15.08 -8.05
C PHE B 104 12.96 -16.20 -8.83
N PRO B 105 13.39 -16.43 -10.07
CA PRO B 105 12.97 -17.70 -10.70
C PRO B 105 13.63 -18.88 -9.95
N VAL B 106 12.90 -19.99 -9.84
CA VAL B 106 13.45 -21.22 -9.25
C VAL B 106 14.71 -21.71 -10.02
N THR B 107 14.77 -21.48 -11.34
CA THR B 107 15.97 -21.84 -12.11
C THR B 107 17.25 -21.13 -11.72
N ASP B 108 17.12 -20.03 -10.95
CA ASP B 108 18.25 -19.11 -10.72
C ASP B 108 18.87 -18.54 -12.01
N LYS B 109 18.12 -18.52 -13.11
CA LYS B 109 18.63 -17.92 -14.34
C LYS B 109 17.74 -16.76 -14.82
N SER B 110 18.35 -15.60 -14.99
CA SER B 110 17.61 -14.44 -15.48
C SER B 110 17.02 -14.70 -16.86
N ARG B 111 17.56 -15.66 -17.61
CA ARG B 111 17.01 -15.87 -18.95
C ARG B 111 15.62 -16.46 -18.87
N THR B 112 15.33 -17.12 -17.75
CA THR B 112 13.99 -17.66 -17.50
C THR B 112 12.92 -16.54 -17.52
N ILE B 113 13.26 -15.41 -16.95
CA ILE B 113 12.34 -14.27 -16.82
C ILE B 113 12.19 -13.58 -18.17
N ILE B 114 13.33 -13.29 -18.79
CA ILE B 114 13.36 -12.59 -20.06
C ILE B 114 12.69 -13.40 -21.18
N GLU B 115 13.01 -14.70 -21.27
CA GLU B 115 12.34 -15.51 -22.28
C GLU B 115 10.84 -15.56 -22.06
N ALA B 116 10.41 -15.59 -20.80
CA ALA B 116 8.98 -15.61 -20.56
C ALA B 116 8.30 -14.33 -21.07
N LEU B 117 8.93 -13.18 -20.81
CA LEU B 117 8.38 -11.90 -21.34
C LEU B 117 8.34 -11.90 -22.87
N GLU B 118 9.43 -12.37 -23.49
CA GLU B 118 9.51 -12.35 -24.93
C GLU B 118 8.49 -13.27 -25.54
N LYS B 119 8.34 -14.44 -24.93
CA LYS B 119 7.35 -15.42 -25.38
C LYS B 119 5.93 -14.85 -25.31
N LYS B 120 5.61 -14.14 -24.23
CA LYS B 120 4.29 -13.53 -24.09
C LYS B 120 4.03 -12.49 -25.17
N ILE B 121 5.05 -11.69 -25.48
CA ILE B 121 4.92 -10.66 -26.51
C ILE B 121 4.58 -11.36 -27.84
N ALA B 122 5.27 -12.47 -28.15
CA ALA B 122 5.05 -13.20 -29.39
C ALA B 122 3.64 -13.84 -29.45
N GLU B 123 3.15 -14.35 -28.31
CA GLU B 123 1.79 -14.86 -28.18
C GLU B 123 0.73 -13.83 -28.42
N LEU B 124 1.04 -12.56 -28.20
CA LEU B 124 0.05 -11.51 -28.40
C LEU B 124 0.27 -10.76 -29.72
N GLY B 125 1.25 -11.16 -30.49
CA GLY B 125 1.46 -10.55 -31.78
C GLY B 125 2.16 -9.20 -31.70
N GLY B 126 2.89 -8.91 -30.63
CA GLY B 126 3.65 -7.66 -30.59
C GLY B 126 4.80 -7.71 -31.60
N THR B 127 5.06 -6.61 -32.29
CA THR B 127 6.23 -6.49 -33.14
C THR B 127 7.42 -6.02 -32.33
N VAL B 128 8.54 -6.72 -32.48
CA VAL B 128 9.78 -6.25 -31.87
C VAL B 128 10.93 -6.18 -32.86
N ILE B 129 11.60 -5.03 -32.83
CA ILE B 129 12.71 -4.79 -33.71
C ILE B 129 13.89 -4.39 -32.84
N THR B 130 14.91 -5.25 -32.82
CA THR B 130 16.08 -5.06 -31.97
C THR B 130 17.26 -4.53 -32.81
N ASN B 131 18.40 -4.31 -32.15
CA ASN B 131 19.58 -3.78 -32.83
C ASN B 131 19.30 -2.45 -33.54
N THR B 132 18.43 -1.63 -32.97
CA THR B 132 17.91 -0.46 -33.64
C THR B 132 17.90 0.67 -32.65
N GLU B 133 18.95 1.49 -32.68
CA GLU B 133 18.98 2.68 -31.81
C GLU B 133 18.10 3.79 -32.33
N ILE B 134 17.14 4.24 -31.52
CA ILE B 134 16.36 5.44 -31.90
C ILE B 134 17.18 6.73 -31.63
N VAL B 135 17.14 7.67 -32.59
CA VAL B 135 18.00 8.88 -32.55
C VAL B 135 17.15 10.13 -32.64
N SER B 136 15.93 10.01 -33.12
CA SER B 136 15.06 11.17 -33.22
C SER B 136 13.62 10.83 -32.93
N VAL B 137 12.95 11.72 -32.21
CA VAL B 137 11.53 11.60 -31.95
C VAL B 137 10.89 12.99 -32.06
N LYS B 138 9.86 13.11 -32.88
CA LYS B 138 9.13 14.37 -33.09
C LYS B 138 7.66 14.11 -33.12
N LYS B 139 6.87 15.15 -32.89
CA LYS B 139 5.44 15.02 -33.05
C LYS B 139 4.92 16.20 -33.88
N THR B 140 4.01 15.90 -34.82
CA THR B 140 3.34 16.96 -35.61
C THR B 140 1.88 16.60 -35.71
N ASP B 141 1.03 17.54 -35.32
CA ASP B 141 -0.40 17.31 -35.18
C ASP B 141 -0.63 16.13 -34.24
N GLU B 142 -1.31 15.06 -34.68
CA GLU B 142 -1.53 13.93 -33.76
C GLU B 142 -0.56 12.72 -33.96
N LEU B 143 0.54 12.94 -34.67
CA LEU B 143 1.37 11.85 -35.14
C LEU B 143 2.80 11.99 -34.61
N PHE B 144 3.30 10.93 -33.98
CA PHE B 144 4.72 10.89 -33.60
C PHE B 144 5.49 10.25 -34.73
N THR B 145 6.68 10.76 -34.99
CA THR B 145 7.61 10.11 -35.92
C THR B 145 8.87 9.70 -35.17
N VAL B 146 9.20 8.43 -35.27
CA VAL B 146 10.29 7.84 -34.52
C VAL B 146 11.32 7.32 -35.52
N ARG B 147 12.58 7.71 -35.35
CA ARG B 147 13.60 7.46 -36.39
C ARG B 147 14.84 6.84 -35.82
N SER B 148 15.32 5.79 -36.47
CA SER B 148 16.70 5.35 -36.30
C SER B 148 17.55 6.13 -37.32
N SER B 149 18.83 5.82 -37.43
CA SER B 149 19.65 6.48 -38.45
C SER B 149 19.18 6.15 -39.88
N ASP B 150 18.53 5.00 -40.04
CA ASP B 150 18.16 4.34 -41.30
C ASP B 150 16.67 4.34 -41.65
N GLN B 151 15.80 4.44 -40.65
CA GLN B 151 14.37 4.10 -40.83
C GLN B 151 13.50 4.94 -39.97
N ALA B 152 12.22 5.00 -40.32
CA ALA B 152 11.22 5.76 -39.56
C ALA B 152 9.91 5.00 -39.36
N TRP B 153 9.27 5.21 -38.21
CA TRP B 153 7.98 4.62 -37.88
C TRP B 153 7.12 5.75 -37.38
N THR B 154 5.81 5.64 -37.52
CA THR B 154 4.88 6.62 -36.94
C THR B 154 3.90 5.92 -35.99
N CYS B 155 3.31 6.68 -35.07
CA CYS B 155 2.34 6.17 -34.14
C CYS B 155 1.49 7.26 -33.54
N GLN B 156 0.43 6.86 -32.86
CA GLN B 156 -0.39 7.83 -32.15
C GLN B 156 -0.06 7.92 -30.68
N LYS B 157 0.56 6.87 -30.14
CA LYS B 157 0.89 6.83 -28.72
C LYS B 157 2.33 6.34 -28.59
N LEU B 158 3.14 7.07 -27.86
CA LEU B 158 4.54 6.73 -27.73
C LEU B 158 4.89 6.56 -26.25
N ILE B 159 5.57 5.45 -25.93
CA ILE B 159 5.95 5.15 -24.55
C ILE B 159 7.48 5.09 -24.50
N VAL B 160 8.07 5.91 -23.64
CA VAL B 160 9.50 5.99 -23.52
C VAL B 160 9.91 5.19 -22.30
N THR B 161 10.67 4.13 -22.52
CA THR B 161 11.09 3.26 -21.45
C THR B 161 12.59 2.97 -21.62
N THR B 162 13.40 4.04 -21.73
CA THR B 162 14.83 3.93 -22.10
C THR B 162 15.79 3.80 -20.88
N GLY B 163 15.23 3.86 -19.67
CA GLY B 163 16.01 3.65 -18.43
C GLY B 163 16.65 4.91 -17.83
N GLY B 164 17.58 4.69 -16.89
CA GLY B 164 18.30 5.77 -16.24
C GLY B 164 19.68 5.95 -16.90
N LYS B 165 20.69 6.26 -16.08
CA LYS B 165 22.03 6.58 -16.59
C LYS B 165 23.14 5.66 -16.08
N SER B 166 22.84 4.80 -15.12
CA SER B 166 23.92 3.95 -14.61
C SER B 166 24.12 2.73 -15.50
N TYR B 167 25.31 2.14 -15.43
CA TYR B 167 25.66 1.01 -16.28
C TYR B 167 25.34 1.28 -17.77
N PRO B 168 25.89 2.39 -18.30
CA PRO B 168 25.54 2.73 -19.69
C PRO B 168 25.93 1.66 -20.70
N SER B 169 26.86 0.75 -20.37
CA SER B 169 27.21 -0.30 -21.31
C SER B 169 26.02 -1.24 -21.57
N THR B 170 25.00 -1.19 -20.72
CA THR B 170 23.81 -2.00 -20.96
C THR B 170 22.81 -1.32 -21.90
N GLY B 171 23.03 -0.05 -22.24
CA GLY B 171 22.10 0.63 -23.16
C GLY B 171 21.45 1.88 -22.58
N SER B 172 21.44 1.99 -21.25
CA SER B 172 20.74 3.09 -20.59
C SER B 172 21.68 4.28 -20.54
N THR B 173 21.59 5.12 -21.56
CA THR B 173 22.54 6.19 -21.76
C THR B 173 21.87 7.57 -21.75
N GLY B 174 20.56 7.61 -21.55
CA GLY B 174 19.87 8.89 -21.37
C GLY B 174 18.94 9.36 -22.49
N PHE B 175 18.65 8.53 -23.48
CA PHE B 175 17.95 9.04 -24.67
C PHE B 175 16.54 9.53 -24.32
N GLY B 176 15.92 8.86 -23.35
CA GLY B 176 14.57 9.22 -22.88
C GLY B 176 14.51 10.58 -22.22
N HIS B 177 15.59 10.95 -21.52
CA HIS B 177 15.74 12.33 -21.05
C HIS B 177 15.85 13.34 -22.23
N ASP B 178 16.56 13.01 -23.31
CA ASP B 178 16.59 13.92 -24.48
C ASP B 178 15.19 14.08 -25.09
N ILE B 179 14.42 13.00 -25.16
CA ILE B 179 13.03 13.10 -25.63
C ILE B 179 12.21 14.02 -24.72
N ALA B 180 12.38 13.84 -23.40
CA ALA B 180 11.64 14.65 -22.43
C ALA B 180 11.93 16.11 -22.67
N ARG B 181 13.21 16.45 -22.77
CA ARG B 181 13.62 17.85 -22.94
C ARG B 181 13.16 18.39 -24.29
N HIS B 182 13.23 17.58 -25.34
CA HIS B 182 12.70 17.99 -26.65
C HIS B 182 11.23 18.43 -26.53
N PHE B 183 10.46 17.73 -25.69
CA PHE B 183 9.02 18.04 -25.49
C PHE B 183 8.79 18.97 -24.31
N LYS B 184 9.86 19.63 -23.90
CA LYS B 184 9.82 20.71 -22.87
C LYS B 184 9.44 20.25 -21.46
N HIS B 185 9.62 18.95 -21.19
CA HIS B 185 9.56 18.43 -19.84
C HIS B 185 10.82 18.80 -19.08
N THR B 186 10.71 18.96 -17.77
CA THR B 186 11.87 19.02 -16.87
C THR B 186 12.44 17.65 -16.57
N VAL B 187 13.75 17.51 -16.70
CA VAL B 187 14.46 16.36 -16.18
C VAL B 187 15.27 16.91 -14.96
N THR B 188 15.10 16.28 -13.80
CA THR B 188 15.74 16.76 -12.57
C THR B 188 17.22 16.44 -12.63
N ASP B 189 17.96 16.95 -11.63
CA ASP B 189 19.35 16.54 -11.45
C ASP B 189 19.43 15.02 -11.40
N LEU B 190 20.49 14.46 -11.97
CA LEU B 190 20.70 13.01 -11.99
C LEU B 190 21.91 12.68 -11.15
N GLU B 191 21.77 11.75 -10.20
CA GLU B 191 22.94 11.36 -9.44
C GLU B 191 22.92 9.89 -9.06
N ALA B 192 24.08 9.39 -8.61
CA ALA B 192 24.24 8.03 -8.14
C ALA B 192 23.35 7.75 -6.92
N ALA B 193 22.71 6.58 -6.95
CA ALA B 193 22.05 6.00 -5.77
C ALA B 193 22.42 4.51 -5.79
N GLU B 194 22.36 3.86 -4.62
CA GLU B 194 22.69 2.44 -4.49
C GLU B 194 24.10 2.19 -5.05
N SER B 195 25.10 2.79 -4.40
CA SER B 195 26.47 2.80 -4.91
C SER B 195 27.35 1.97 -4.01
N PRO B 196 28.04 0.96 -4.53
CA PRO B 196 28.91 0.27 -3.60
C PRO B 196 29.95 1.25 -2.97
N LEU B 197 30.42 0.95 -1.77
CA LEU B 197 31.34 1.82 -1.05
C LEU B 197 32.80 1.38 -1.22
N LEU B 198 33.70 2.35 -1.29
CA LEU B 198 35.13 2.05 -1.37
C LEU B 198 35.67 2.31 0.02
N THR B 199 36.49 1.38 0.55
CA THR B 199 37.01 1.52 1.90
C THR B 199 38.55 1.38 1.95
N ASP B 200 39.14 1.98 2.97
CA ASP B 200 40.57 1.79 3.21
C ASP B 200 40.69 0.69 4.26
N PHE B 201 40.90 -0.54 3.79
CA PHE B 201 40.72 -1.70 4.64
C PHE B 201 41.47 -2.85 3.95
N PRO B 202 41.91 -3.87 4.73
CA PRO B 202 42.56 -5.06 4.08
C PRO B 202 41.52 -5.98 3.43
N HIS B 203 41.15 -5.68 2.18
CA HIS B 203 40.00 -6.33 1.55
C HIS B 203 40.11 -7.83 1.40
N LYS B 204 41.33 -8.31 1.15
CA LYS B 204 41.53 -9.73 0.93
C LYS B 204 41.21 -10.57 2.16
N ALA B 205 41.27 -9.97 3.36
CA ALA B 205 40.89 -10.69 4.59
C ALA B 205 39.44 -11.19 4.52
N LEU B 206 38.54 -10.38 3.94
CA LEU B 206 37.11 -10.67 4.01
C LEU B 206 36.38 -10.75 2.68
N GLN B 207 37.05 -10.53 1.56
CA GLN B 207 36.29 -10.45 0.28
C GLN B 207 35.55 -11.74 -0.06
N GLY B 208 34.30 -11.58 -0.50
CA GLY B 208 33.42 -12.70 -0.76
C GLY B 208 32.52 -13.05 0.41
N ILE B 209 32.83 -12.61 1.63
CA ILE B 209 31.94 -12.93 2.76
C ILE B 209 30.68 -12.05 2.71
N SER B 210 29.53 -12.68 2.91
CA SER B 210 28.23 -12.02 3.01
CA SER B 210 28.25 -11.99 3.03
C SER B 210 27.70 -12.20 4.44
N LEU B 211 27.21 -11.15 5.06
CA LEU B 211 26.62 -11.26 6.39
C LEU B 211 25.15 -10.86 6.31
N ASP B 212 24.25 -11.59 6.97
CA ASP B 212 22.83 -11.21 6.96
C ASP B 212 22.52 -10.24 8.08
N ASP B 213 21.75 -9.20 7.76
CA ASP B 213 21.17 -8.32 8.78
C ASP B 213 22.18 -7.87 9.84
N VAL B 214 23.25 -7.21 9.39
CA VAL B 214 24.19 -6.62 10.32
C VAL B 214 23.89 -5.13 10.29
N THR B 215 24.53 -4.36 11.16
CA THR B 215 24.24 -2.92 11.25
C THR B 215 25.42 -2.06 10.85
N LEU B 216 25.18 -1.17 9.88
CA LEU B 216 26.12 -0.13 9.53
C LEU B 216 25.58 1.18 10.03
N SER B 217 26.41 1.89 10.80
CA SER B 217 25.99 3.15 11.42
C SER B 217 26.88 4.29 10.94
N TYR B 218 26.25 5.44 10.73
CA TYR B 218 26.95 6.67 10.42
C TYR B 218 26.07 7.83 10.90
N GLY B 219 26.50 8.50 11.96
CA GLY B 219 25.65 9.53 12.61
C GLY B 219 24.29 8.94 12.98
N LYS B 220 23.22 9.63 12.60
CA LYS B 220 21.85 9.14 12.91
C LYS B 220 21.41 8.05 11.92
N HIS B 221 22.23 7.76 10.92
CA HIS B 221 21.84 6.75 9.94
C HIS B 221 22.30 5.37 10.40
N ILE B 222 21.35 4.53 10.78
CA ILE B 222 21.64 3.24 11.36
C ILE B 222 20.86 2.21 10.56
N ILE B 223 21.56 1.43 9.76
CA ILE B 223 20.92 0.58 8.78
C ILE B 223 21.23 -0.86 9.05
N THR B 224 20.18 -1.69 9.11
CA THR B 224 20.38 -3.09 9.44
C THR B 224 19.92 -3.88 8.26
N HIS B 225 20.83 -4.61 7.63
CA HIS B 225 20.49 -5.34 6.42
C HIS B 225 21.72 -6.16 6.02
N ASP B 226 21.64 -6.80 4.88
CA ASP B 226 22.72 -7.68 4.43
C ASP B 226 23.94 -6.87 3.93
N LEU B 227 25.13 -7.43 4.13
CA LEU B 227 26.36 -6.74 3.78
C LEU B 227 27.26 -7.69 3.02
N LEU B 228 27.90 -7.22 1.93
CA LEU B 228 28.88 -8.01 1.21
C LEU B 228 30.27 -7.34 1.25
N PHE B 229 31.30 -8.09 1.62
CA PHE B 229 32.67 -7.56 1.59
C PHE B 229 33.22 -7.85 0.19
N THR B 230 33.74 -6.82 -0.47
CA THR B 230 34.22 -6.98 -1.86
C THR B 230 35.72 -6.70 -1.92
N HIS B 231 36.31 -6.77 -3.11
CA HIS B 231 37.73 -6.51 -3.30
C HIS B 231 38.10 -5.03 -3.09
N PHE B 232 37.11 -4.14 -3.21
CA PHE B 232 37.35 -2.73 -3.06
C PHE B 232 36.73 -2.10 -1.81
N GLY B 233 35.87 -2.82 -1.12
CA GLY B 233 35.11 -2.20 -0.02
C GLY B 233 33.88 -3.02 0.31
N LEU B 234 32.72 -2.37 0.25
CA LEU B 234 31.48 -2.93 0.76
C LEU B 234 30.33 -2.76 -0.24
N SER B 235 29.55 -3.82 -0.40
CA SER B 235 28.36 -3.75 -1.19
C SER B 235 27.20 -4.51 -0.46
N GLY B 236 26.14 -4.84 -1.19
CA GLY B 236 24.96 -5.44 -0.57
C GLY B 236 24.09 -4.38 0.09
N PRO B 237 22.85 -4.73 0.42
CA PRO B 237 21.86 -3.72 0.82
C PRO B 237 22.28 -2.75 1.91
N ALA B 238 22.92 -3.21 2.98
CA ALA B 238 23.36 -2.28 4.04
C ALA B 238 24.24 -1.13 3.53
N ALA B 239 25.28 -1.49 2.78
CA ALA B 239 26.24 -0.53 2.27
C ALA B 239 25.61 0.35 1.17
N LEU B 240 24.80 -0.28 0.32
CA LEU B 240 24.15 0.46 -0.77
C LEU B 240 23.17 1.49 -0.25
N ARG B 241 22.49 1.18 0.83
CA ARG B 241 21.57 2.14 1.41
C ARG B 241 22.30 3.24 2.15
N LEU B 242 23.38 2.90 2.84
CA LEU B 242 24.21 3.91 3.52
C LEU B 242 24.89 4.89 2.54
N SER B 243 25.18 4.40 1.33
CA SER B 243 25.84 5.20 0.31
C SER B 243 25.09 6.51 0.02
N SER B 244 23.79 6.59 0.30
CA SER B 244 23.10 7.88 0.15
C SER B 244 23.59 8.97 1.11
N PHE B 245 24.29 8.59 2.18
CA PHE B 245 24.60 9.57 3.24
C PHE B 245 26.08 9.78 3.42
N VAL B 246 26.85 9.16 2.56
CA VAL B 246 28.29 9.09 2.73
C VAL B 246 28.97 9.33 1.35
N LYS B 247 30.18 9.88 1.31
CA LYS B 247 30.80 10.15 0.00
C LYS B 247 32.30 10.04 -0.06
N GLY B 248 32.93 9.84 1.10
CA GLY B 248 34.39 9.69 1.18
C GLY B 248 34.92 10.53 2.33
N GLY B 249 35.83 9.96 3.12
CA GLY B 249 36.39 10.67 4.26
C GLY B 249 35.71 10.36 5.57
N GLU B 250 34.58 9.65 5.52
CA GLU B 250 33.84 9.34 6.74
C GLU B 250 34.37 8.07 7.41
N THR B 251 34.22 8.00 8.73
CA THR B 251 34.33 6.75 9.44
C THR B 251 32.93 6.18 9.70
N ILE B 252 32.70 4.92 9.32
CA ILE B 252 31.43 4.27 9.62
C ILE B 252 31.68 3.11 10.57
N TYR B 253 30.62 2.61 11.16
CA TYR B 253 30.72 1.55 12.18
C TYR B 253 29.91 0.32 11.82
N LEU B 254 30.54 -0.83 11.96
CA LEU B 254 29.89 -2.11 11.70
C LEU B 254 29.70 -2.86 12.99
N ASP B 255 28.44 -3.28 13.21
CA ASP B 255 28.05 -4.24 14.23
C ASP B 255 27.63 -5.55 13.57
N VAL B 256 28.48 -6.56 13.78
CA VAL B 256 28.36 -7.85 13.14
C VAL B 256 27.38 -8.80 13.88
N LEU B 257 27.00 -8.44 15.11
CA LEU B 257 26.04 -9.24 15.93
C LEU B 257 25.03 -8.30 16.59
N PRO B 258 24.19 -7.65 15.76
CA PRO B 258 23.26 -6.62 16.29
C PRO B 258 22.25 -7.16 17.33
N GLN B 259 22.01 -8.46 17.32
CA GLN B 259 21.08 -9.08 18.23
C GLN B 259 21.68 -9.41 19.59
N MET B 260 22.99 -9.37 19.72
CA MET B 260 23.61 -9.69 21.00
C MET B 260 24.12 -8.43 21.67
N SER B 261 23.68 -8.15 22.90
CA SER B 261 24.25 -7.04 23.64
C SER B 261 25.72 -7.32 23.97
N GLN B 262 26.42 -6.29 24.45
CA GLN B 262 27.78 -6.44 24.96
C GLN B 262 27.84 -7.46 26.12
N GLN B 263 26.83 -7.42 27.01
CA GLN B 263 26.75 -8.39 28.11
C GLN B 263 26.46 -9.81 27.59
N ASP B 264 25.61 -9.94 26.57
CA ASP B 264 25.30 -11.26 26.01
C ASP B 264 26.59 -11.86 25.48
N LEU B 265 27.39 -11.03 24.82
CA LEU B 265 28.66 -11.50 24.25
C LEU B 265 29.67 -11.88 25.35
N ALA B 266 29.70 -11.06 26.39
CA ALA B 266 30.53 -11.37 27.56
C ALA B 266 30.09 -12.70 28.19
N ASP B 267 28.78 -12.90 28.33
CA ASP B 267 28.25 -14.18 28.81
C ASP B 267 28.57 -15.36 27.92
N PHE B 268 28.48 -15.15 26.61
CA PHE B 268 28.72 -16.20 25.63
C PHE B 268 30.18 -16.64 25.72
N LEU B 269 31.09 -15.68 25.84
CA LEU B 269 32.52 -16.02 25.91
C LEU B 269 32.80 -16.84 27.16
N GLU B 270 32.26 -16.38 28.29
CA GLU B 270 32.46 -17.04 29.58
C GLU B 270 31.89 -18.48 29.55
N GLU B 271 30.70 -18.62 28.95
CA GLU B 271 30.13 -19.94 28.70
C GLU B 271 31.08 -20.89 28.00
N HIS B 272 31.91 -20.40 27.08
CA HIS B 272 32.79 -21.26 26.29
C HIS B 272 34.27 -20.99 26.60
N ARG B 273 34.57 -20.68 27.86
CA ARG B 273 35.90 -20.21 28.26
C ARG B 273 37.01 -21.20 27.99
N GLU B 274 36.71 -22.50 27.95
CA GLU B 274 37.73 -23.47 27.63
C GLU B 274 38.04 -23.53 26.15
N LYS B 275 37.15 -22.99 25.32
CA LYS B 275 37.37 -23.06 23.83
C LYS B 275 38.46 -22.17 23.25
N SER B 276 39.00 -22.49 22.07
CA SER B 276 39.83 -21.48 21.42
C SER B 276 38.92 -20.30 21.08
N LEU B 277 39.47 -19.11 21.19
CA LEU B 277 38.68 -17.89 20.97
C LEU B 277 38.11 -17.91 19.54
N LYS B 278 38.93 -18.32 18.59
CA LYS B 278 38.49 -18.42 17.19
C LYS B 278 37.33 -19.37 17.00
N ASN B 279 37.42 -20.59 17.57
CA ASN B 279 36.30 -21.53 17.49
C ASN B 279 35.06 -21.06 18.24
N CYS B 280 35.25 -20.35 19.35
CA CYS B 280 34.11 -19.75 20.04
C CYS B 280 33.36 -18.75 19.12
N LEU B 281 34.06 -17.82 18.50
CA LEU B 281 33.40 -16.89 17.54
C LEU B 281 32.84 -17.55 16.29
N LYS B 282 33.49 -18.61 15.81
CA LYS B 282 32.96 -19.37 14.67
C LYS B 282 31.55 -19.90 14.91
N ILE B 283 31.19 -20.11 16.16
CA ILE B 283 29.80 -20.51 16.50
C ILE B 283 28.81 -19.45 16.02
N LEU B 284 29.22 -18.17 16.09
CA LEU B 284 28.34 -17.06 15.75
C LEU B 284 28.58 -16.42 14.38
N LEU B 285 29.79 -16.58 13.85
CA LEU B 285 30.25 -15.84 12.69
C LEU B 285 31.00 -16.72 11.69
N PRO B 286 31.07 -16.28 10.41
CA PRO B 286 31.84 -17.02 9.39
C PRO B 286 33.30 -17.11 9.79
N GLU B 287 33.95 -18.21 9.45
CA GLU B 287 35.34 -18.42 9.87
C GLU B 287 36.31 -17.26 9.56
N ARG B 288 36.24 -16.70 8.35
CA ARG B 288 37.14 -15.62 8.03
C ARG B 288 36.89 -14.36 8.87
N ILE B 289 35.64 -14.15 9.28
CA ILE B 289 35.32 -13.05 10.16
C ILE B 289 35.93 -13.33 11.54
N ALA B 290 35.78 -14.57 12.01
CA ALA B 290 36.37 -14.98 13.30
C ALA B 290 37.91 -14.84 13.31
N ASP B 291 38.57 -15.27 12.24
CA ASP B 291 40.02 -15.05 12.03
C ASP B 291 40.39 -13.56 12.15
N PHE B 292 39.63 -12.72 11.44
CA PHE B 292 39.91 -11.31 11.46
C PHE B 292 39.92 -10.72 12.88
N PHE B 293 38.88 -11.00 13.66
CA PHE B 293 38.82 -10.44 15.01
C PHE B 293 39.82 -11.08 15.98
N THR B 294 40.03 -12.38 15.86
CA THR B 294 40.73 -13.07 16.93
C THR B 294 42.23 -13.19 16.67
N GLN B 295 42.66 -12.93 15.44
CA GLN B 295 44.08 -13.12 15.10
C GLN B 295 45.11 -12.58 16.14
N PRO B 296 44.97 -11.33 16.62
CA PRO B 296 46.06 -10.83 17.49
C PRO B 296 45.89 -11.18 18.98
N PHE B 297 44.77 -11.82 19.34
CA PHE B 297 44.43 -12.12 20.75
C PHE B 297 44.96 -13.50 21.20
N PRO B 298 45.02 -13.76 22.55
CA PRO B 298 45.47 -15.06 23.00
C PRO B 298 44.61 -16.18 22.44
N GLU B 299 45.16 -17.38 22.38
CA GLU B 299 44.50 -18.50 21.71
C GLU B 299 43.14 -18.96 22.31
N LYS B 300 43.09 -19.08 23.65
CA LYS B 300 41.86 -19.55 24.33
C LYS B 300 41.07 -18.42 24.97
N VAL B 301 39.74 -18.57 25.01
CA VAL B 301 38.87 -17.55 25.60
C VAL B 301 39.34 -17.23 27.04
N LYS B 302 39.61 -18.26 27.84
CA LYS B 302 40.03 -18.05 29.24
C LYS B 302 41.37 -17.33 29.41
N GLN B 303 42.19 -17.31 28.36
CA GLN B 303 43.45 -16.55 28.38
C GLN B 303 43.33 -15.03 28.19
N LEU B 304 42.18 -14.53 27.77
CA LEU B 304 41.97 -13.09 27.72
C LEU B 304 41.83 -12.50 29.10
N ASN B 305 42.46 -11.36 29.33
CA ASN B 305 42.15 -10.59 30.53
C ASN B 305 40.93 -9.70 30.25
N LEU B 306 40.47 -8.96 31.26
CA LEU B 306 39.26 -8.17 31.11
C LEU B 306 39.39 -7.12 30.01
N SER B 307 40.55 -6.45 29.99
CA SER B 307 40.81 -5.42 28.97
C SER B 307 40.68 -5.99 27.55
N GLU B 308 41.29 -7.15 27.31
CA GLU B 308 41.26 -7.78 26.01
C GLU B 308 39.82 -8.20 25.64
N LYS B 309 39.07 -8.71 26.62
CA LYS B 309 37.69 -9.13 26.42
C LYS B 309 36.87 -7.91 26.00
N GLU B 310 37.00 -6.83 26.76
CA GLU B 310 36.24 -5.63 26.44
C GLU B 310 36.61 -4.99 25.09
N ALA B 311 37.90 -5.01 24.74
CA ALA B 311 38.38 -4.51 23.45
C ALA B 311 37.80 -5.34 22.32
N LEU B 312 37.80 -6.66 22.51
CA LEU B 312 37.31 -7.55 21.48
C LEU B 312 35.82 -7.37 21.26
N ILE B 313 35.08 -7.30 22.36
CA ILE B 313 33.65 -7.12 22.26
C ILE B 313 33.30 -5.81 21.53
N LYS B 314 34.05 -4.75 21.84
CA LYS B 314 33.78 -3.46 21.24
C LYS B 314 34.06 -3.48 19.73
N GLN B 315 35.10 -4.21 19.32
CA GLN B 315 35.38 -4.42 17.91
C GLN B 315 34.26 -5.13 17.18
N ILE B 316 33.70 -6.16 17.80
CA ILE B 316 32.60 -6.93 17.19
C ILE B 316 31.31 -6.10 17.05
N LYS B 317 31.07 -5.22 18.02
CA LYS B 317 29.88 -4.39 18.04
C LYS B 317 30.03 -3.02 17.38
N GLU B 318 31.26 -2.61 17.11
CA GLU B 318 31.54 -1.23 16.75
C GLU B 318 32.85 -1.12 15.96
N LEU B 319 32.99 -1.93 14.90
CA LEU B 319 34.21 -1.91 14.08
C LEU B 319 34.26 -0.66 13.23
N PRO B 320 35.30 0.20 13.40
CA PRO B 320 35.43 1.38 12.56
C PRO B 320 35.96 1.05 11.17
N ILE B 321 35.32 1.63 10.17
CA ILE B 321 35.70 1.37 8.80
C ILE B 321 35.80 2.70 8.08
N SER B 322 36.91 2.86 7.35
CA SER B 322 37.19 4.13 6.71
C SER B 322 36.68 4.11 5.29
N VAL B 323 35.70 4.97 4.99
CA VAL B 323 35.08 5.04 3.64
C VAL B 323 35.84 6.11 2.85
N THR B 324 36.43 5.73 1.73
CA THR B 324 37.22 6.64 0.91
C THR B 324 36.44 7.23 -0.27
N GLY B 325 35.31 6.60 -0.62
CA GLY B 325 34.39 7.17 -1.60
C GLY B 325 33.32 6.15 -1.93
N LYS B 326 32.59 6.41 -3.00
CA LYS B 326 31.55 5.48 -3.45
C LYS B 326 31.58 5.45 -4.99
N MET B 327 30.96 4.44 -5.58
CA MET B 327 30.93 4.31 -7.04
C MET B 327 30.25 5.52 -7.65
N SER B 328 30.74 5.89 -8.84
CA SER B 328 30.20 6.96 -9.63
C SER B 328 28.81 6.52 -10.12
N LEU B 329 28.00 7.47 -10.57
CA LEU B 329 26.73 7.14 -11.23
C LEU B 329 26.89 6.00 -12.22
N ALA B 330 27.89 6.07 -13.07
CA ALA B 330 28.05 5.05 -14.09
C ALA B 330 28.18 3.62 -13.52
N LYS B 331 28.77 3.53 -12.33
CA LYS B 331 29.01 2.24 -11.69
C LYS B 331 28.09 1.96 -10.49
N SER B 332 27.00 2.73 -10.36
CA SER B 332 26.02 2.53 -9.29
C SER B 332 24.86 1.71 -9.84
N PHE B 333 23.95 1.27 -8.99
CA PHE B 333 22.89 0.38 -9.46
C PHE B 333 21.65 1.14 -9.92
N VAL B 334 21.50 2.36 -9.44
CA VAL B 334 20.24 3.10 -9.68
C VAL B 334 20.58 4.56 -9.96
N THR B 335 19.79 5.19 -10.84
CA THR B 335 19.84 6.62 -11.05
C THR B 335 18.83 7.33 -10.18
N LYS B 336 19.31 8.25 -9.35
CA LYS B 336 18.40 9.11 -8.61
C LYS B 336 18.10 10.31 -9.51
N GLY B 337 16.84 10.53 -9.88
CA GLY B 337 16.47 11.62 -10.76
C GLY B 337 15.89 11.10 -12.08
N GLY B 338 15.18 11.97 -12.79
CA GLY B 338 14.68 11.57 -14.11
C GLY B 338 13.65 12.58 -14.53
N VAL B 339 12.70 12.16 -15.35
CA VAL B 339 11.67 13.04 -15.85
C VAL B 339 10.81 13.49 -14.66
N SER B 340 10.59 14.79 -14.56
CA SER B 340 9.84 15.31 -13.42
C SER B 340 8.44 14.75 -13.30
N LEU B 341 8.13 14.22 -12.12
CA LEU B 341 6.82 13.63 -11.88
C LEU B 341 5.66 14.63 -11.83
N LYS B 342 5.97 15.91 -11.59
CA LYS B 342 4.94 16.97 -11.58
C LYS B 342 4.22 17.09 -12.95
N GLU B 343 4.90 16.65 -14.00
CA GLU B 343 4.41 16.75 -15.39
C GLU B 343 3.83 15.43 -15.93
N ILE B 344 3.70 14.44 -15.06
CA ILE B 344 3.22 13.11 -15.48
C ILE B 344 1.93 12.80 -14.75
N ASN B 345 0.91 12.35 -15.48
CA ASN B 345 -0.32 11.82 -14.86
C ASN B 345 -0.06 10.48 -14.14
N PRO B 346 -0.26 10.40 -12.81
CA PRO B 346 0.09 9.14 -12.09
C PRO B 346 -0.83 7.96 -12.42
N LYS B 347 -2.00 8.23 -12.98
CA LYS B 347 -2.94 7.13 -13.30
C LYS B 347 -2.60 6.45 -14.61
N THR B 348 -1.98 7.19 -15.52
CA THR B 348 -1.84 6.72 -16.88
C THR B 348 -0.40 6.76 -17.35
N LEU B 349 0.48 7.48 -16.62
CA LEU B 349 1.84 7.79 -17.07
C LEU B 349 1.92 8.68 -18.32
N GLU B 350 0.81 9.32 -18.67
CA GLU B 350 0.81 10.22 -19.83
C GLU B 350 1.41 11.59 -19.44
N SER B 351 2.17 12.18 -20.35
CA SER B 351 2.64 13.57 -20.28
C SER B 351 1.46 14.50 -20.10
N LYS B 352 1.57 15.43 -19.14
CA LYS B 352 0.59 16.49 -19.01
C LYS B 352 0.86 17.61 -20.05
N LEU B 353 1.97 17.51 -20.78
CA LEU B 353 2.37 18.51 -21.76
C LEU B 353 2.08 18.07 -23.18
N VAL B 354 2.26 16.78 -23.46
CA VAL B 354 2.12 16.28 -24.83
C VAL B 354 1.17 15.07 -24.88
N PRO B 355 -0.08 15.27 -25.37
CA PRO B 355 -0.99 14.14 -25.50
C PRO B 355 -0.35 12.95 -26.26
N GLY B 356 -0.53 11.75 -25.74
CA GLY B 356 -0.03 10.55 -26.39
C GLY B 356 1.38 10.16 -25.93
N LEU B 357 2.07 11.05 -25.25
CA LEU B 357 3.45 10.76 -24.86
C LEU B 357 3.43 10.17 -23.46
N HIS B 358 4.12 9.05 -23.24
CA HIS B 358 4.14 8.39 -21.91
C HIS B 358 5.55 8.03 -21.50
N PHE B 359 5.79 7.92 -20.21
CA PHE B 359 7.11 7.57 -19.67
C PHE B 359 6.91 6.48 -18.65
N ALA B 360 7.74 5.44 -18.69
CA ALA B 360 7.68 4.37 -17.69
C ALA B 360 9.06 3.83 -17.34
N GLY B 361 9.20 3.26 -16.16
CA GLY B 361 10.48 2.73 -15.73
C GLY B 361 11.40 3.79 -15.16
N GLU B 362 12.69 3.48 -15.14
CA GLU B 362 13.68 4.29 -14.43
C GLU B 362 13.96 5.65 -15.06
N VAL B 363 13.45 5.89 -16.28
CA VAL B 363 13.56 7.19 -16.94
C VAL B 363 12.80 8.22 -16.09
N LEU B 364 11.80 7.75 -15.34
CA LEU B 364 11.02 8.62 -14.46
C LEU B 364 11.87 8.99 -13.25
N ASP B 365 11.52 10.10 -12.59
CA ASP B 365 12.17 10.53 -11.34
C ASP B 365 11.65 9.69 -10.16
N ILE B 366 11.79 8.37 -10.30
CA ILE B 366 11.50 7.38 -9.23
C ILE B 366 12.77 6.54 -9.01
N ASN B 367 13.20 6.37 -7.76
CA ASN B 367 14.36 5.51 -7.49
C ASN B 367 14.10 4.68 -6.24
N ALA B 368 14.57 3.42 -6.24
CA ALA B 368 14.22 2.47 -5.18
C ALA B 368 15.47 1.74 -4.75
N HIS B 369 15.37 1.03 -3.62
CA HIS B 369 16.42 0.10 -3.23
C HIS B 369 16.49 -1.10 -4.15
N THR B 370 17.66 -1.75 -4.20
CA THR B 370 17.78 -3.03 -4.81
C THR B 370 16.99 -4.03 -3.94
N GLY B 371 16.75 -5.21 -4.45
CA GLY B 371 15.89 -6.14 -3.75
C GLY B 371 14.59 -6.36 -4.51
N GLY B 372 14.52 -5.87 -5.75
CA GLY B 372 13.34 -6.09 -6.63
C GLY B 372 12.43 -4.87 -6.73
N PHE B 373 12.72 -3.80 -5.98
CA PHE B 373 11.83 -2.62 -5.98
C PHE B 373 11.82 -1.74 -7.25
N ASN B 374 13.00 -1.50 -7.84
CA ASN B 374 13.08 -0.79 -9.14
C ASN B 374 12.45 -1.60 -10.22
N ILE B 375 12.69 -2.92 -10.19
CA ILE B 375 12.12 -3.78 -11.21
C ILE B 375 10.59 -3.84 -11.09
N THR B 376 10.10 -3.89 -9.86
CA THR B 376 8.68 -3.84 -9.60
C THR B 376 8.09 -2.56 -10.20
N SER B 377 8.73 -1.44 -9.92
CA SER B 377 8.26 -0.13 -10.40
C SER B 377 8.30 -0.08 -11.93
N ALA B 378 9.35 -0.66 -12.54
CA ALA B 378 9.44 -0.66 -13.98
C ALA B 378 8.34 -1.52 -14.62
N LEU B 379 8.16 -2.75 -14.12
CA LEU B 379 7.13 -3.64 -14.69
C LEU B 379 5.69 -3.08 -14.54
N CYS B 380 5.42 -2.49 -13.37
CA CYS B 380 4.05 -2.00 -13.09
C CYS B 380 3.77 -0.68 -13.84
N THR B 381 4.73 0.24 -13.83
CA THR B 381 4.53 1.48 -14.60
C THR B 381 4.45 1.14 -16.11
N GLY B 382 5.26 0.17 -16.54
CA GLY B 382 5.17 -0.31 -17.90
C GLY B 382 3.80 -0.89 -18.22
N TRP B 383 3.30 -1.80 -17.38
CA TRP B 383 1.94 -2.32 -17.56
C TRP B 383 0.94 -1.15 -17.72
N VAL B 384 0.97 -0.23 -16.78
CA VAL B 384 -0.02 0.85 -16.80
C VAL B 384 0.12 1.75 -18.01
N ALA B 385 1.35 2.08 -18.40
CA ALA B 385 1.58 2.93 -19.58
C ALA B 385 0.99 2.31 -20.84
N GLY B 386 1.21 1.00 -21.02
CA GLY B 386 0.71 0.30 -22.22
C GLY B 386 -0.80 0.05 -22.22
N SER B 387 -1.44 0.09 -21.04
CA SER B 387 -2.89 -0.13 -20.91
CA SER B 387 -2.89 -0.14 -20.93
C SER B 387 -3.68 1.01 -21.51
N LEU B 388 -4.91 0.72 -21.94
CA LEU B 388 -5.82 1.80 -22.36
C LEU B 388 -6.79 2.03 -21.19
N HIS B 389 -7.31 3.24 -21.09
CA HIS B 389 -8.15 3.57 -19.93
C HIS B 389 -9.47 4.14 -20.44
N TYR B 390 -10.48 3.28 -20.47
CA TYR B 390 -11.83 3.68 -20.84
C TYR B 390 -12.57 4.29 -19.63
N ASP B 391 -12.83 5.60 -19.69
CA ASP B 391 -13.54 6.33 -18.64
C ASP B 391 -13.98 7.73 -19.10
#